data_8HZY
#
_entry.id   8HZY
#
_cell.length_a   97.088
_cell.length_b   105.190
_cell.length_c   118.248
_cell.angle_alpha   90.000
_cell.angle_beta   90.000
_cell.angle_gamma   90.000
#
_symmetry.space_group_name_H-M   'P 21 2 21'
#
loop_
_entity.id
_entity.type
_entity.pdbx_description
1 polymer DesII
2 non-polymer 'IRON/SULFUR CLUSTER'
3 non-polymer METHIONINE
4 water water
#
_entity_poly.entity_id   1
_entity_poly.type   'polypeptide(L)'
_entity_poly.pdbx_seq_one_letter_code
;HHHHHHHHGSDYDIPTTENLYFQGSMTAPALSATAPAERCAHPGADLGAAVHAVGQTLAAGGLVPPDEAGTTARHLVRLA
VRYGNSPFTPLEEARHDLGVDRDAFRRLLALFGQVPELRTAVETGPAGAYWKNTLLPLEQRGVFDAALARKPVFPYSVGL
YPGPTCMFRCHFCVRVTGARYDPSALDAGNAMFRSVIDEIPAGNPSAMYFSGGLEPLTNPGLGSLAAHATDHGLRPTVYT
NSFALTERTLERQPGLWGLHAIRTSLYGLNDEEYEQTTGKKAAFRRVRENLRRFQQLRAERESPINLGFAYIVLPGRASR
LLDLVDFIADLNDAGQGRTIDFVNIREDYSGRDDGKLPQEERAELQEALNAFEERVRERTPGLHIDYGYALNSLRTGADA
ELLRIKPATMRPTAHPQVAVQVDLLGDVYLYREAGFPDLDGATRYIAGRVTPDTSLTEVVRDFVERGGEVAAVDGDEYFM
DGFDQVVTARLNQLERDAADGWEEARGFLR
;
_entity_poly.pdbx_strand_id   A,B
#
# COMPACT_ATOMS: atom_id res chain seq x y z
N ALA A 35 14.45 15.88 4.59
CA ALA A 35 15.21 17.10 4.84
C ALA A 35 15.89 17.59 3.55
N PRO A 36 15.96 18.91 3.37
CA PRO A 36 16.43 19.45 2.08
C PRO A 36 17.81 18.96 1.67
N ALA A 37 18.77 18.93 2.60
CA ALA A 37 20.11 18.47 2.24
C ALA A 37 20.14 16.98 1.92
N GLU A 38 19.19 16.21 2.47
CA GLU A 38 19.13 14.77 2.22
C GLU A 38 18.61 14.44 0.83
N ARG A 39 17.92 15.36 0.17
CA ARG A 39 17.28 15.07 -1.11
C ARG A 39 17.90 15.82 -2.29
N CYS A 40 19.02 16.51 -2.09
CA CYS A 40 19.42 17.52 -3.07
C CYS A 40 19.90 16.94 -4.39
N ALA A 41 20.13 15.63 -4.49
CA ALA A 41 20.64 15.10 -5.76
C ALA A 41 19.54 14.79 -6.76
N HIS A 42 18.27 14.86 -6.37
CA HIS A 42 17.19 14.51 -7.28
C HIS A 42 16.80 15.68 -8.17
N PRO A 43 16.34 15.40 -9.40
CA PRO A 43 15.94 16.49 -10.30
C PRO A 43 14.92 17.42 -9.65
N GLY A 44 15.11 18.72 -9.86
CA GLY A 44 14.21 19.70 -9.28
C GLY A 44 14.31 19.88 -7.78
N ALA A 45 15.35 19.33 -7.15
CA ALA A 45 15.51 19.53 -5.71
C ALA A 45 15.78 21.00 -5.40
N ASP A 46 15.37 21.42 -4.21
CA ASP A 46 15.55 22.78 -3.73
C ASP A 46 16.97 22.92 -3.20
N LEU A 47 17.87 23.44 -4.03
CA LEU A 47 19.27 23.58 -3.63
C LEU A 47 19.50 24.77 -2.70
N GLY A 48 18.68 25.82 -2.82
CA GLY A 48 18.76 26.91 -1.86
C GLY A 48 18.52 26.43 -0.44
N ALA A 49 17.49 25.60 -0.25
CA ALA A 49 17.22 25.03 1.07
C ALA A 49 18.32 24.05 1.49
N ALA A 50 18.85 23.26 0.54
CA ALA A 50 19.97 22.38 0.85
C ALA A 50 21.19 23.18 1.28
N VAL A 51 21.52 24.24 0.54
CA VAL A 51 22.67 25.06 0.88
C VAL A 51 22.50 25.69 2.26
N HIS A 52 21.30 26.22 2.54
CA HIS A 52 21.07 26.84 3.84
C HIS A 52 21.24 25.84 4.97
N ALA A 53 20.67 24.64 4.79
CA ALA A 53 20.77 23.59 5.81
C ALA A 53 22.20 23.15 6.04
N VAL A 54 22.97 22.95 4.96
CA VAL A 54 24.36 22.56 5.09
C VAL A 54 25.18 23.69 5.71
N GLY A 55 24.97 24.92 5.25
CA GLY A 55 25.66 26.05 5.85
C GLY A 55 25.41 26.16 7.34
N GLN A 56 24.18 25.89 7.77
CA GLN A 56 23.88 25.94 9.20
C GLN A 56 24.63 24.85 9.96
N THR A 57 24.74 23.65 9.39
CA THR A 57 25.49 22.58 10.04
C THR A 57 26.97 22.94 10.17
N LEU A 58 27.56 23.48 9.10
CA LEU A 58 28.97 23.88 9.14
C LEU A 58 29.20 24.97 10.18
N ALA A 59 28.36 26.01 10.17
CA ALA A 59 28.58 27.13 11.10
C ALA A 59 28.33 26.70 12.54
N ALA A 60 27.31 25.86 12.77
CA ALA A 60 27.01 25.42 14.13
C ALA A 60 28.09 24.49 14.67
N GLY A 61 28.82 23.79 13.80
CA GLY A 61 29.90 22.94 14.23
C GLY A 61 31.23 23.63 14.35
N GLY A 62 31.28 24.95 14.15
CA GLY A 62 32.55 25.65 14.14
C GLY A 62 33.49 25.17 13.05
N LEU A 63 32.96 24.56 12.00
CA LEU A 63 33.82 23.97 10.98
C LEU A 63 34.31 25.00 9.98
N VAL A 64 33.54 26.04 9.71
CA VAL A 64 34.02 27.20 8.94
C VAL A 64 33.44 28.47 9.53
N PRO A 65 34.14 29.59 9.36
CA PRO A 65 33.59 30.89 9.77
C PRO A 65 32.24 31.13 9.12
N PRO A 66 31.29 31.69 9.86
CA PRO A 66 29.94 31.87 9.30
C PRO A 66 29.92 32.69 8.02
N ASP A 67 30.85 33.63 7.86
CA ASP A 67 30.91 34.45 6.66
C ASP A 67 31.17 33.60 5.41
N GLU A 68 31.88 32.48 5.56
CA GLU A 68 32.25 31.63 4.44
C GLU A 68 31.45 30.33 4.40
N ALA A 69 30.50 30.13 5.31
CA ALA A 69 29.78 28.86 5.36
C ALA A 69 28.95 28.65 4.10
N GLY A 70 28.34 29.72 3.58
CA GLY A 70 27.51 29.56 2.39
C GLY A 70 28.29 29.11 1.18
N THR A 71 29.48 29.68 0.98
CA THR A 71 30.29 29.31 -0.17
C THR A 71 30.71 27.85 -0.10
N THR A 72 31.18 27.42 1.06
CA THR A 72 31.59 26.02 1.23
C THR A 72 30.39 25.09 1.16
N ALA A 73 29.26 25.48 1.73
CA ALA A 73 28.06 24.66 1.63
C ALA A 73 27.64 24.49 0.18
N ARG A 74 27.86 25.50 -0.66
CA ARG A 74 27.51 25.35 -2.07
C ARG A 74 28.41 24.34 -2.76
N HIS A 75 29.71 24.37 -2.45
CA HIS A 75 30.63 23.37 -3.00
C HIS A 75 30.25 21.96 -2.53
N LEU A 76 29.90 21.81 -1.25
CA LEU A 76 29.55 20.48 -0.74
C LEU A 76 28.25 19.98 -1.35
N VAL A 77 27.26 20.87 -1.52
CA VAL A 77 26.02 20.46 -2.17
C VAL A 77 26.29 20.03 -3.61
N ARG A 78 27.15 20.79 -4.31
CA ARG A 78 27.49 20.43 -5.69
C ARG A 78 28.13 19.06 -5.75
N LEU A 79 29.02 18.74 -4.80
CA LEU A 79 29.62 17.42 -4.76
C LEU A 79 28.58 16.33 -4.48
N ALA A 80 27.61 16.62 -3.61
CA ALA A 80 26.55 15.65 -3.33
C ALA A 80 25.68 15.44 -4.57
N VAL A 81 25.34 16.52 -5.27
CA VAL A 81 24.58 16.39 -6.51
C VAL A 81 25.35 15.56 -7.51
N ARG A 82 26.64 15.83 -7.65
CA ARG A 82 27.47 15.13 -8.62
C ARG A 82 27.52 13.63 -8.31
N TYR A 83 27.98 13.27 -7.12
CA TYR A 83 28.14 11.84 -6.82
C TYR A 83 26.81 11.16 -6.55
N GLY A 84 25.74 11.92 -6.31
CA GLY A 84 24.42 11.34 -6.22
C GLY A 84 23.81 11.02 -7.56
N ASN A 85 24.49 11.37 -8.63
CA ASN A 85 24.05 11.14 -10.01
C ASN A 85 25.09 10.41 -10.85
N SER A 86 26.39 10.70 -10.67
CA SER A 86 27.48 10.12 -11.44
C SER A 86 28.50 9.56 -10.46
N PRO A 87 28.31 8.32 -10.00
CA PRO A 87 29.08 7.84 -8.84
C PRO A 87 30.55 7.53 -9.14
N PHE A 88 30.94 7.36 -10.39
CA PHE A 88 32.31 6.99 -10.75
C PHE A 88 33.22 8.17 -11.05
N THR A 89 32.73 9.40 -10.96
CA THR A 89 33.50 10.60 -11.30
C THR A 89 34.86 10.59 -10.61
N PRO A 90 35.96 10.70 -11.36
CA PRO A 90 37.27 10.84 -10.72
C PRO A 90 37.27 12.11 -9.87
N LEU A 91 37.93 12.03 -8.71
CA LEU A 91 37.99 13.19 -7.83
C LEU A 91 38.54 14.41 -8.55
N GLU A 92 39.49 14.21 -9.46
CA GLU A 92 40.10 15.33 -10.18
C GLU A 92 39.12 15.98 -11.14
N GLU A 93 38.24 15.19 -11.76
CA GLU A 93 37.20 15.79 -12.60
C GLU A 93 36.21 16.59 -11.77
N ALA A 94 35.79 16.04 -10.63
CA ALA A 94 34.90 16.80 -9.76
C ALA A 94 35.59 18.05 -9.24
N ARG A 95 36.87 17.95 -8.89
CA ARG A 95 37.63 19.13 -8.46
C ARG A 95 37.64 20.20 -9.55
N HIS A 96 37.99 19.80 -10.78
CA HIS A 96 38.04 20.76 -11.88
C HIS A 96 36.69 21.41 -12.11
N ASP A 97 35.60 20.66 -11.93
CA ASP A 97 34.26 21.21 -12.13
C ASP A 97 33.89 22.19 -11.02
N LEU A 98 34.39 21.98 -9.80
CA LEU A 98 34.21 22.99 -8.77
C LEU A 98 35.10 24.20 -9.02
N GLY A 99 36.24 24.00 -9.67
CA GLY A 99 37.17 25.08 -9.92
C GLY A 99 37.98 25.50 -8.72
N VAL A 100 38.34 24.56 -7.84
CA VAL A 100 39.07 24.89 -6.63
C VAL A 100 40.42 24.19 -6.64
N ASP A 101 41.34 24.76 -5.84
CA ASP A 101 42.66 24.26 -5.48
C ASP A 101 42.65 22.79 -5.07
N ARG A 102 43.77 22.09 -5.27
CA ARG A 102 43.91 20.78 -4.67
C ARG A 102 43.81 20.87 -3.15
N ASP A 103 44.35 21.93 -2.56
CA ASP A 103 44.26 22.14 -1.12
C ASP A 103 42.82 22.38 -0.69
N ALA A 104 42.11 23.24 -1.41
CA ALA A 104 40.72 23.53 -1.08
C ALA A 104 39.86 22.27 -1.21
N PHE A 105 40.17 21.44 -2.22
CA PHE A 105 39.44 20.19 -2.42
C PHE A 105 39.66 19.24 -1.26
N ARG A 106 40.90 19.11 -0.79
CA ARG A 106 41.18 18.26 0.36
C ARG A 106 40.32 18.67 1.55
N ARG A 107 40.27 19.97 1.84
CA ARG A 107 39.42 20.44 2.94
C ARG A 107 37.95 20.13 2.69
N LEU A 108 37.50 20.29 1.44
CA LEU A 108 36.09 20.01 1.12
C LEU A 108 35.76 18.56 1.39
N LEU A 109 36.64 17.63 1.00
CA LEU A 109 36.36 16.22 1.21
C LEU A 109 36.28 15.90 2.69
N ALA A 110 37.11 16.55 3.50
CA ALA A 110 37.07 16.34 4.94
C ALA A 110 35.79 16.94 5.54
N LEU A 111 35.40 18.13 5.09
CA LEU A 111 34.15 18.71 5.56
C LEU A 111 32.95 17.88 5.12
N PHE A 112 33.00 17.31 3.91
CA PHE A 112 31.90 16.47 3.45
C PHE A 112 31.61 15.34 4.45
N GLY A 113 32.67 14.72 4.98
CA GLY A 113 32.50 13.64 5.95
C GLY A 113 31.85 14.06 7.25
N GLN A 114 31.75 15.37 7.51
CA GLN A 114 31.13 15.86 8.73
C GLN A 114 29.74 16.42 8.49
N VAL A 115 29.14 16.15 7.33
CA VAL A 115 27.76 16.54 7.09
C VAL A 115 27.00 15.28 6.74
N PRO A 116 26.51 14.52 7.73
CA PRO A 116 25.83 13.25 7.44
C PRO A 116 24.69 13.37 6.44
N GLU A 117 24.01 14.51 6.38
CA GLU A 117 22.89 14.64 5.46
C GLU A 117 23.32 14.52 4.01
N LEU A 118 24.54 14.98 3.69
CA LEU A 118 25.01 14.95 2.31
C LEU A 118 25.41 13.54 1.87
N ARG A 119 25.95 12.73 2.78
CA ARG A 119 26.15 11.32 2.44
C ARG A 119 24.82 10.64 2.17
N THR A 120 23.80 10.95 2.98
CA THR A 120 22.46 10.45 2.69
C THR A 120 22.01 10.89 1.30
N ALA A 121 22.28 12.15 0.94
CA ALA A 121 21.90 12.66 -0.38
C ALA A 121 22.55 11.87 -1.50
N VAL A 122 23.81 11.46 -1.31
CA VAL A 122 24.48 10.66 -2.33
C VAL A 122 23.91 9.24 -2.33
N GLU A 123 23.78 8.63 -1.14
CA GLU A 123 23.38 7.23 -1.06
C GLU A 123 21.94 7.02 -1.50
N THR A 124 21.07 8.02 -1.33
CA THR A 124 19.66 7.90 -1.73
C THR A 124 19.34 8.70 -2.97
N GLY A 125 20.35 9.16 -3.71
CA GLY A 125 20.12 9.97 -4.88
C GLY A 125 19.74 9.12 -6.06
N PRO A 126 19.63 9.73 -7.23
CA PRO A 126 19.37 8.96 -8.46
C PRO A 126 20.32 7.79 -8.65
N ALA A 127 21.60 7.99 -8.33
CA ALA A 127 22.61 6.94 -8.40
C ALA A 127 22.56 5.98 -7.21
N GLY A 128 21.51 6.06 -6.39
CA GLY A 128 21.53 5.36 -5.11
C GLY A 128 21.61 3.84 -5.20
N ALA A 129 21.15 3.26 -6.32
CA ALA A 129 21.27 1.82 -6.47
C ALA A 129 22.72 1.39 -6.55
N TYR A 130 23.57 2.17 -7.23
CA TYR A 130 24.99 1.87 -7.24
C TYR A 130 25.55 1.85 -5.82
N TRP A 131 25.29 2.91 -5.07
CA TRP A 131 25.94 3.07 -3.77
C TRP A 131 25.46 2.00 -2.78
N LYS A 132 24.14 1.89 -2.58
CA LYS A 132 23.62 1.06 -1.50
C LYS A 132 23.58 -0.43 -1.82
N ASN A 133 23.39 -0.80 -3.09
CA ASN A 133 23.26 -2.21 -3.43
C ASN A 133 24.58 -2.86 -3.81
N THR A 134 25.60 -2.09 -4.22
CA THR A 134 26.83 -2.70 -4.69
C THR A 134 28.09 -2.05 -4.12
N LEU A 135 28.28 -0.75 -4.38
CA LEU A 135 29.57 -0.12 -4.08
C LEU A 135 29.87 -0.17 -2.60
N LEU A 136 28.95 0.31 -1.77
CA LEU A 136 29.24 0.48 -0.35
C LEU A 136 29.25 -0.85 0.41
N PRO A 137 28.34 -1.81 0.12
CA PRO A 137 28.50 -3.12 0.77
C PRO A 137 29.83 -3.77 0.46
N LEU A 138 30.30 -3.70 -0.79
CA LEU A 138 31.58 -4.33 -1.12
C LEU A 138 32.75 -3.58 -0.51
N GLU A 139 32.71 -2.25 -0.49
CA GLU A 139 33.77 -1.48 0.16
C GLU A 139 33.87 -1.83 1.64
N GLN A 140 32.73 -1.82 2.34
CA GLN A 140 32.72 -2.09 3.77
C GLN A 140 33.15 -3.52 4.10
N ARG A 141 33.07 -4.43 3.13
CA ARG A 141 33.58 -5.78 3.33
C ARG A 141 35.02 -5.94 2.88
N GLY A 142 35.69 -4.84 2.53
CA GLY A 142 37.07 -4.88 2.11
C GLY A 142 37.31 -5.47 0.74
N VAL A 143 36.25 -5.66 -0.04
CA VAL A 143 36.37 -6.42 -1.29
C VAL A 143 37.08 -5.60 -2.36
N PHE A 144 36.74 -4.31 -2.48
CA PHE A 144 37.43 -3.50 -3.47
C PHE A 144 38.88 -3.26 -3.06
N ASP A 145 39.14 -3.13 -1.76
CA ASP A 145 40.51 -3.00 -1.28
C ASP A 145 41.35 -4.19 -1.71
N ALA A 146 40.79 -5.40 -1.61
CA ALA A 146 41.53 -6.61 -1.99
C ALA A 146 41.77 -6.65 -3.49
N ALA A 147 40.75 -6.34 -4.29
CA ALA A 147 40.94 -6.25 -5.73
C ALA A 147 41.97 -5.18 -6.08
N LEU A 148 41.83 -3.99 -5.50
CA LEU A 148 42.73 -2.88 -5.80
C LEU A 148 44.18 -3.23 -5.49
N ALA A 149 44.42 -3.87 -4.34
CA ALA A 149 45.76 -4.32 -3.98
C ALA A 149 46.17 -5.62 -4.67
N ARG A 150 45.28 -6.23 -5.45
CA ARG A 150 45.58 -7.42 -6.24
C ARG A 150 46.07 -8.57 -5.36
N LYS A 151 45.37 -8.80 -4.22
CA LYS A 151 45.74 -9.86 -3.30
C LYS A 151 45.05 -11.17 -3.65
N PRO A 152 45.70 -12.32 -3.41
CA PRO A 152 45.12 -13.63 -3.77
C PRO A 152 44.12 -14.14 -2.74
N VAL A 153 43.02 -13.43 -2.59
CA VAL A 153 41.97 -13.82 -1.64
C VAL A 153 40.96 -14.72 -2.35
N PHE A 154 40.21 -15.48 -1.56
CA PHE A 154 39.15 -16.29 -2.12
C PHE A 154 38.04 -15.38 -2.65
N PRO A 155 37.44 -15.71 -3.79
CA PRO A 155 36.45 -14.81 -4.40
C PRO A 155 35.29 -14.48 -3.46
N TYR A 156 34.86 -13.22 -3.52
CA TYR A 156 33.76 -12.78 -2.67
C TYR A 156 32.44 -13.40 -3.09
N SER A 157 32.15 -13.46 -4.39
CA SER A 157 30.93 -14.07 -4.90
C SER A 157 31.30 -15.16 -5.89
N VAL A 158 30.79 -16.37 -5.67
CA VAL A 158 31.13 -17.54 -6.50
C VAL A 158 29.84 -18.03 -7.16
N GLY A 159 29.78 -17.94 -8.48
CA GLY A 159 28.67 -18.48 -9.22
C GLY A 159 28.96 -19.89 -9.69
N LEU A 160 28.08 -20.83 -9.36
CA LEU A 160 28.16 -22.16 -9.93
C LEU A 160 27.16 -22.25 -11.08
N TYR A 161 27.66 -22.65 -12.24
CA TYR A 161 26.88 -22.79 -13.46
C TYR A 161 26.70 -24.28 -13.75
N PRO A 162 25.75 -24.96 -13.11
CA PRO A 162 25.70 -26.43 -13.20
C PRO A 162 24.90 -27.02 -14.35
N GLY A 163 24.23 -26.21 -15.17
CA GLY A 163 23.37 -26.74 -16.22
C GLY A 163 24.09 -27.17 -17.48
N PRO A 164 23.83 -28.40 -17.93
CA PRO A 164 24.43 -28.85 -19.22
C PRO A 164 23.72 -28.36 -20.46
N THR A 165 22.45 -27.97 -20.41
CA THR A 165 21.73 -27.44 -21.56
C THR A 165 20.74 -26.38 -21.10
N CYS A 166 19.89 -25.98 -22.05
CA CYS A 166 18.69 -25.21 -21.76
C CYS A 166 17.67 -25.53 -22.83
N MET A 167 16.40 -25.52 -22.44
CA MET A 167 15.34 -25.83 -23.38
C MET A 167 14.90 -24.63 -24.21
N PHE A 168 15.25 -23.42 -23.79
CA PHE A 168 14.90 -22.22 -24.54
C PHE A 168 15.90 -22.00 -25.67
N ARG A 169 15.60 -21.00 -26.52
CA ARG A 169 16.38 -20.72 -27.70
C ARG A 169 16.48 -19.22 -27.91
N CYS A 170 16.88 -18.48 -26.86
CA CYS A 170 16.91 -17.03 -26.95
C CYS A 170 17.88 -16.56 -28.04
N HIS A 171 17.54 -15.41 -28.63
CA HIS A 171 18.09 -14.95 -29.91
C HIS A 171 19.60 -15.16 -30.05
N PHE A 172 20.39 -14.63 -29.12
CA PHE A 172 21.84 -14.55 -29.29
C PHE A 172 22.61 -15.48 -28.35
N CYS A 173 21.95 -16.40 -27.67
CA CYS A 173 22.67 -17.35 -26.84
C CYS A 173 23.27 -18.46 -27.69
N VAL A 174 24.30 -19.12 -27.14
CA VAL A 174 24.88 -20.25 -27.85
C VAL A 174 23.87 -21.38 -28.06
N ARG A 175 22.72 -21.35 -27.37
CA ARG A 175 21.72 -22.41 -27.53
C ARG A 175 21.08 -22.39 -28.91
N VAL A 176 21.07 -21.24 -29.60
CA VAL A 176 20.61 -21.24 -31.00
C VAL A 176 21.72 -21.80 -31.87
N THR A 177 22.41 -22.80 -31.34
CA THR A 177 23.29 -23.73 -32.04
C THR A 177 23.10 -25.06 -31.31
N GLY A 178 23.91 -26.05 -31.63
CA GLY A 178 23.82 -27.21 -30.77
C GLY A 178 24.42 -27.03 -29.39
N ALA A 179 24.97 -25.84 -29.09
CA ALA A 179 25.94 -25.68 -28.03
C ALA A 179 25.38 -26.11 -26.67
N ARG A 180 26.11 -27.03 -26.03
CA ARG A 180 25.69 -27.64 -24.78
C ARG A 180 26.88 -28.42 -24.23
N TYR A 181 26.77 -28.80 -22.96
CA TYR A 181 27.78 -29.65 -22.35
C TYR A 181 27.43 -31.11 -22.58
N ASP A 182 28.47 -31.93 -22.71
CA ASP A 182 28.27 -33.36 -22.88
C ASP A 182 27.59 -33.95 -21.65
N PRO A 183 26.58 -34.80 -21.81
CA PRO A 183 25.98 -35.47 -20.64
C PRO A 183 26.99 -36.22 -19.76
N SER A 184 28.05 -36.79 -20.35
CA SER A 184 29.04 -37.51 -19.56
C SER A 184 29.80 -36.63 -18.56
N ALA A 185 29.71 -35.30 -18.69
CA ALA A 185 30.42 -34.40 -17.77
C ALA A 185 29.74 -34.26 -16.41
N LEU A 186 28.52 -34.79 -16.26
CA LEU A 186 27.69 -34.45 -15.11
C LEU A 186 28.25 -35.04 -13.81
N ASP A 187 28.62 -36.32 -13.82
CA ASP A 187 29.04 -36.97 -12.59
C ASP A 187 30.32 -36.35 -12.03
N ALA A 188 31.35 -36.23 -12.87
CA ALA A 188 32.57 -35.57 -12.41
C ALA A 188 32.31 -34.09 -12.11
N GLY A 189 31.47 -33.45 -12.92
CA GLY A 189 31.19 -32.03 -12.69
C GLY A 189 30.51 -31.79 -11.36
N ASN A 190 29.54 -32.64 -11.00
CA ASN A 190 28.84 -32.47 -9.75
C ASN A 190 29.73 -32.81 -8.56
N ALA A 191 30.63 -33.78 -8.72
CA ALA A 191 31.61 -34.02 -7.68
C ALA A 191 32.54 -32.83 -7.51
N MET A 192 32.84 -32.13 -8.62
CA MET A 192 33.68 -30.95 -8.58
C MET A 192 32.96 -29.81 -7.88
N PHE A 193 31.67 -29.60 -8.21
CA PHE A 193 30.88 -28.56 -7.54
C PHE A 193 30.80 -28.79 -6.03
N ARG A 194 30.63 -30.05 -5.61
CA ARG A 194 30.62 -30.34 -4.18
C ARG A 194 31.93 -29.94 -3.53
N SER A 195 33.06 -30.24 -4.20
CA SER A 195 34.35 -29.86 -3.65
C SER A 195 34.50 -28.35 -3.57
N VAL A 196 33.93 -27.61 -4.53
CA VAL A 196 33.98 -26.15 -4.44
C VAL A 196 33.10 -25.66 -3.29
N ILE A 197 31.93 -26.26 -3.09
CA ILE A 197 31.08 -25.91 -1.96
C ILE A 197 31.84 -26.11 -0.64
N ASP A 198 32.60 -27.20 -0.54
CA ASP A 198 33.38 -27.47 0.66
C ASP A 198 34.45 -26.41 0.93
N GLU A 199 34.79 -25.59 -0.08
CA GLU A 199 35.82 -24.57 0.05
C GLU A 199 35.32 -23.23 0.57
N ILE A 200 34.03 -22.94 0.43
CA ILE A 200 33.52 -21.58 0.65
C ILE A 200 33.83 -21.18 2.09
N PRO A 201 34.62 -20.14 2.31
CA PRO A 201 34.94 -19.74 3.68
C PRO A 201 33.70 -19.28 4.44
N ALA A 202 33.80 -19.30 5.76
CA ALA A 202 32.72 -18.81 6.59
C ALA A 202 32.60 -17.30 6.43
N GLY A 203 31.46 -16.77 6.90
CA GLY A 203 31.27 -15.33 6.99
C GLY A 203 30.31 -14.75 5.99
N ASN A 204 29.80 -15.53 5.06
CA ASN A 204 28.84 -15.01 4.10
C ASN A 204 28.00 -16.13 3.52
N PRO A 205 26.85 -16.44 4.13
CA PRO A 205 26.05 -17.57 3.65
C PRO A 205 25.57 -17.43 2.21
N SER A 206 25.51 -16.22 1.66
CA SER A 206 25.08 -16.01 0.29
C SER A 206 26.23 -15.96 -0.71
N ALA A 207 27.46 -16.27 -0.29
CA ALA A 207 28.60 -16.12 -1.20
C ALA A 207 28.39 -16.90 -2.48
N MET A 208 27.81 -18.09 -2.39
CA MET A 208 27.65 -18.96 -3.56
C MET A 208 26.21 -18.89 -4.02
N TYR A 209 26.03 -18.87 -5.35
CA TYR A 209 24.72 -18.95 -5.96
C TYR A 209 24.78 -19.90 -7.15
N PHE A 210 23.63 -20.40 -7.58
CA PHE A 210 23.50 -21.20 -8.77
C PHE A 210 22.85 -20.36 -9.86
N SER A 211 23.51 -20.26 -11.00
CA SER A 211 22.91 -19.54 -12.11
C SER A 211 23.48 -20.13 -13.39
N GLY A 212 23.57 -19.34 -14.43
CA GLY A 212 24.25 -19.94 -15.55
C GLY A 212 24.64 -18.95 -16.62
N GLY A 213 25.47 -19.48 -17.50
CA GLY A 213 25.15 -19.44 -18.88
C GLY A 213 23.87 -20.23 -19.04
N LEU A 214 23.95 -21.55 -19.06
CA LEU A 214 22.80 -22.39 -19.39
C LEU A 214 21.92 -22.62 -18.16
N GLU A 215 20.86 -23.41 -18.34
CA GLU A 215 19.78 -23.49 -17.34
C GLU A 215 20.15 -24.44 -16.21
N PRO A 216 20.22 -23.98 -14.96
CA PRO A 216 20.64 -24.87 -13.87
C PRO A 216 19.75 -26.08 -13.66
N LEU A 217 18.41 -25.94 -13.78
CA LEU A 217 17.51 -27.05 -13.51
C LEU A 217 17.69 -28.20 -14.48
N THR A 218 18.47 -28.01 -15.54
CA THR A 218 18.84 -29.06 -16.48
C THR A 218 19.84 -30.05 -15.89
N ASN A 219 20.41 -29.74 -14.73
CA ASN A 219 21.31 -30.66 -14.05
C ASN A 219 20.49 -31.54 -13.11
N PRO A 220 20.39 -32.86 -13.37
CA PRO A 220 19.61 -33.72 -12.47
C PRO A 220 20.09 -33.70 -11.03
N GLY A 221 21.31 -33.25 -10.77
CA GLY A 221 21.88 -33.21 -9.44
C GLY A 221 21.84 -31.86 -8.76
N LEU A 222 21.08 -30.89 -9.29
CA LEU A 222 21.07 -29.56 -8.68
C LEU A 222 20.53 -29.60 -7.26
N GLY A 223 19.51 -30.44 -7.01
CA GLY A 223 18.94 -30.50 -5.68
C GLY A 223 19.91 -31.03 -4.64
N SER A 224 20.73 -32.01 -5.04
CA SER A 224 21.72 -32.54 -4.10
C SER A 224 22.89 -31.58 -3.91
N LEU A 225 23.22 -30.77 -4.92
CA LEU A 225 24.15 -29.65 -4.70
C LEU A 225 23.59 -28.65 -3.71
N ALA A 226 22.31 -28.30 -3.86
CA ALA A 226 21.66 -27.41 -2.90
C ALA A 226 21.66 -28.02 -1.51
N ALA A 227 21.34 -29.30 -1.40
CA ALA A 227 21.44 -30.01 -0.13
C ALA A 227 22.85 -29.94 0.43
N HIS A 228 23.86 -30.25 -0.41
CA HIS A 228 25.23 -30.16 0.05
C HIS A 228 25.55 -28.76 0.55
N ALA A 229 25.10 -27.73 -0.18
CA ALA A 229 25.40 -26.35 0.23
C ALA A 229 24.76 -26.02 1.57
N THR A 230 23.49 -26.40 1.76
CA THR A 230 22.80 -26.09 3.01
C THR A 230 23.39 -26.89 4.17
N ASP A 231 23.86 -28.11 3.91
CA ASP A 231 24.58 -28.86 4.93
C ASP A 231 25.87 -28.16 5.34
N HIS A 232 26.46 -27.37 4.45
CA HIS A 232 27.67 -26.62 4.78
C HIS A 232 27.35 -25.19 5.22
N GLY A 233 26.12 -24.93 5.67
CA GLY A 233 25.78 -23.64 6.23
C GLY A 233 25.50 -22.53 5.23
N LEU A 234 25.53 -22.83 3.94
CA LEU A 234 25.29 -21.81 2.93
C LEU A 234 23.80 -21.62 2.70
N ARG A 235 23.43 -20.44 2.25
CA ARG A 235 22.03 -20.09 1.96
C ARG A 235 21.96 -19.56 0.53
N PRO A 236 22.02 -20.45 -0.46
CA PRO A 236 22.14 -20.00 -1.84
C PRO A 236 20.81 -19.78 -2.54
N THR A 237 20.85 -18.91 -3.53
CA THR A 237 19.75 -18.64 -4.44
C THR A 237 20.04 -19.31 -5.79
N VAL A 238 18.99 -19.80 -6.45
CA VAL A 238 19.06 -20.28 -7.82
C VAL A 238 18.38 -19.27 -8.73
N TYR A 239 19.04 -18.96 -9.85
CA TYR A 239 18.52 -18.11 -10.91
C TYR A 239 18.22 -19.02 -12.10
N THR A 240 16.96 -19.03 -12.54
CA THR A 240 16.48 -20.08 -13.43
C THR A 240 15.35 -19.52 -14.28
N ASN A 241 15.10 -20.17 -15.42
CA ASN A 241 13.91 -19.86 -16.20
C ASN A 241 12.67 -20.58 -15.67
N SER A 242 12.85 -21.48 -14.70
CA SER A 242 11.79 -22.23 -14.03
C SER A 242 10.94 -23.07 -14.98
N PHE A 243 11.38 -23.24 -16.22
CA PHE A 243 10.61 -24.07 -17.16
C PHE A 243 10.48 -25.50 -16.65
N ALA A 244 11.52 -26.03 -16.01
CA ALA A 244 11.50 -27.40 -15.50
C ALA A 244 11.22 -27.46 -14.00
N LEU A 245 10.72 -26.37 -13.42
CA LEU A 245 10.39 -26.34 -11.98
C LEU A 245 9.00 -26.93 -11.75
N THR A 246 8.85 -28.18 -12.21
CA THR A 246 7.60 -28.93 -12.10
C THR A 246 7.56 -29.71 -10.79
N GLU A 247 6.36 -30.19 -10.46
CA GLU A 247 6.23 -31.04 -9.27
C GLU A 247 7.09 -32.29 -9.39
N ARG A 248 7.26 -32.81 -10.61
CA ARG A 248 8.11 -33.99 -10.80
C ARG A 248 9.58 -33.68 -10.53
N THR A 249 10.05 -32.51 -10.95
CA THR A 249 11.43 -32.14 -10.66
C THR A 249 11.67 -31.99 -9.16
N LEU A 250 10.74 -31.36 -8.45
CA LEU A 250 10.88 -31.24 -7.00
C LEU A 250 10.87 -32.62 -6.33
N GLU A 251 10.17 -33.59 -6.93
CA GLU A 251 10.14 -34.92 -6.35
C GLU A 251 11.50 -35.60 -6.50
N ARG A 252 12.10 -35.50 -7.69
CA ARG A 252 13.42 -36.05 -7.93
C ARG A 252 14.54 -35.26 -7.26
N GLN A 253 14.32 -33.98 -6.99
CA GLN A 253 15.36 -33.10 -6.45
C GLN A 253 14.84 -32.38 -5.20
N PRO A 254 14.54 -33.13 -4.13
CA PRO A 254 13.93 -32.51 -2.95
C PRO A 254 14.81 -31.46 -2.31
N GLY A 255 16.12 -31.51 -2.53
CA GLY A 255 17.04 -30.53 -1.95
C GLY A 255 16.83 -29.11 -2.43
N LEU A 256 16.08 -28.90 -3.51
CA LEU A 256 15.80 -27.53 -3.95
C LEU A 256 14.99 -26.76 -2.91
N TRP A 257 14.17 -27.47 -2.11
CA TRP A 257 13.34 -26.81 -1.12
C TRP A 257 14.17 -26.13 -0.04
N GLY A 258 15.40 -26.61 0.20
CA GLY A 258 16.29 -26.01 1.17
C GLY A 258 17.03 -24.77 0.70
N LEU A 259 16.84 -24.36 -0.56
CA LEU A 259 17.48 -23.14 -1.05
C LEU A 259 16.98 -21.92 -0.29
N HIS A 260 17.81 -20.87 -0.27
CA HIS A 260 17.36 -19.61 0.29
C HIS A 260 16.26 -19.01 -0.58
N ALA A 261 16.40 -19.09 -1.89
CA ALA A 261 15.49 -18.40 -2.80
C ALA A 261 15.59 -19.01 -4.18
N ILE A 262 14.50 -18.86 -4.93
CA ILE A 262 14.45 -19.15 -6.37
C ILE A 262 14.02 -17.86 -7.03
N ARG A 263 14.89 -17.27 -7.83
CA ARG A 263 14.52 -16.10 -8.61
C ARG A 263 14.29 -16.55 -10.04
N THR A 264 13.04 -16.48 -10.48
CA THR A 264 12.68 -16.83 -11.85
C THR A 264 12.97 -15.68 -12.81
N SER A 265 13.73 -15.95 -13.87
CA SER A 265 13.89 -15.00 -14.96
C SER A 265 12.63 -15.01 -15.81
N LEU A 266 11.90 -13.89 -15.78
CA LEU A 266 10.64 -13.74 -16.49
C LEU A 266 10.91 -13.16 -17.88
N TYR A 267 10.58 -13.91 -18.93
CA TYR A 267 10.91 -13.50 -20.29
C TYR A 267 9.72 -12.90 -21.03
N GLY A 268 8.68 -12.53 -20.32
CA GLY A 268 7.45 -12.03 -20.91
C GLY A 268 6.30 -12.31 -19.99
N LEU A 269 5.12 -11.80 -20.38
CA LEU A 269 3.95 -11.90 -19.53
C LEU A 269 2.78 -12.59 -20.23
N ASN A 270 3.00 -13.10 -21.43
CA ASN A 270 2.08 -14.04 -22.07
C ASN A 270 2.90 -14.91 -23.00
N ASP A 271 2.23 -15.92 -23.58
CA ASP A 271 2.90 -16.84 -24.49
C ASP A 271 3.55 -16.10 -25.65
N GLU A 272 2.85 -15.10 -26.21
CA GLU A 272 3.38 -14.37 -27.35
C GLU A 272 4.68 -13.67 -27.02
N GLU A 273 4.72 -12.92 -25.91
CA GLU A 273 5.96 -12.25 -25.53
C GLU A 273 7.05 -13.25 -25.19
N TYR A 274 6.67 -14.42 -24.65
CA TYR A 274 7.67 -15.44 -24.34
C TYR A 274 8.27 -16.04 -25.61
N GLU A 275 7.43 -16.27 -26.64
CA GLU A 275 7.94 -16.82 -27.88
C GLU A 275 8.85 -15.83 -28.60
N GLN A 276 8.48 -14.54 -28.59
CA GLN A 276 9.34 -13.51 -29.14
C GLN A 276 10.75 -13.58 -28.57
N THR A 277 10.86 -13.83 -27.26
CA THR A 277 12.13 -13.78 -26.56
C THR A 277 12.86 -15.11 -26.54
N THR A 278 12.14 -16.22 -26.35
CA THR A 278 12.77 -17.52 -26.12
C THR A 278 12.69 -18.45 -27.31
N GLY A 279 11.84 -18.15 -28.29
CA GLY A 279 11.61 -19.05 -29.39
C GLY A 279 10.70 -20.21 -29.07
N LYS A 280 10.34 -20.42 -27.81
CA LYS A 280 9.54 -21.56 -27.42
C LYS A 280 8.07 -21.17 -27.35
N LYS A 281 7.20 -22.08 -27.80
CA LYS A 281 5.77 -21.86 -27.77
C LYS A 281 5.19 -22.36 -26.45
N ALA A 282 4.12 -21.69 -26.00
CA ALA A 282 3.38 -22.06 -24.81
C ALA A 282 4.24 -22.03 -23.55
N ALA A 283 5.31 -21.23 -23.57
CA ALA A 283 6.28 -21.27 -22.48
C ALA A 283 5.84 -20.46 -21.27
N PHE A 284 5.15 -19.33 -21.48
CA PHE A 284 4.63 -18.55 -20.35
C PHE A 284 3.68 -19.39 -19.50
N ARG A 285 2.72 -20.06 -20.14
CA ARG A 285 1.73 -20.84 -19.38
C ARG A 285 2.39 -21.96 -18.59
N ARG A 286 3.41 -22.61 -19.16
CA ARG A 286 4.18 -23.61 -18.43
C ARG A 286 4.88 -23.01 -17.21
N VAL A 287 5.56 -21.87 -17.38
CA VAL A 287 6.24 -21.25 -16.24
C VAL A 287 5.23 -20.81 -15.18
N ARG A 288 4.15 -20.16 -15.61
CA ARG A 288 3.11 -19.77 -14.66
C ARG A 288 2.48 -20.99 -13.99
N GLU A 289 2.18 -22.03 -14.76
CA GLU A 289 1.63 -23.26 -14.19
C GLU A 289 2.59 -23.85 -13.15
N ASN A 290 3.89 -23.83 -13.43
CA ASN A 290 4.87 -24.33 -12.47
C ASN A 290 4.85 -23.50 -11.18
N LEU A 291 4.82 -22.17 -11.32
CA LEU A 291 4.92 -21.32 -10.14
C LEU A 291 3.61 -21.31 -9.34
N ARG A 292 2.46 -21.41 -10.00
CA ARG A 292 1.20 -21.57 -9.26
C ARG A 292 1.23 -22.80 -8.36
N ARG A 293 1.59 -23.96 -8.93
CA ARG A 293 1.71 -25.18 -8.14
C ARG A 293 2.80 -25.07 -7.10
N PHE A 294 3.95 -24.48 -7.45
CA PHE A 294 5.00 -24.28 -6.45
C PHE A 294 4.51 -23.42 -5.29
N GLN A 295 3.72 -22.39 -5.58
CA GLN A 295 3.18 -21.55 -4.52
C GLN A 295 2.30 -22.36 -3.58
N GLN A 296 1.48 -23.26 -4.13
CA GLN A 296 0.62 -24.06 -3.28
C GLN A 296 1.44 -25.04 -2.43
N LEU A 297 2.49 -25.61 -3.03
CA LEU A 297 3.34 -26.53 -2.28
C LEU A 297 4.14 -25.79 -1.21
N ARG A 298 4.67 -24.61 -1.54
CA ARG A 298 5.40 -23.82 -0.54
C ARG A 298 4.52 -23.53 0.67
N ALA A 299 3.25 -23.18 0.44
CA ALA A 299 2.33 -22.93 1.55
C ALA A 299 2.02 -24.21 2.32
N GLU A 300 1.85 -25.32 1.62
CA GLU A 300 1.54 -26.59 2.30
C GLU A 300 2.69 -27.06 3.17
N ARG A 301 3.93 -26.96 2.68
CA ARG A 301 5.11 -27.37 3.46
C ARG A 301 5.53 -26.31 4.48
N GLU A 302 4.93 -25.13 4.43
CA GLU A 302 5.41 -24.00 5.22
C GLU A 302 6.91 -23.79 5.02
N SER A 303 7.33 -23.88 3.76
CA SER A 303 8.75 -23.79 3.45
C SER A 303 9.23 -22.36 3.61
N PRO A 304 10.38 -22.13 4.26
CA PRO A 304 10.94 -20.78 4.35
C PRO A 304 11.52 -20.25 3.04
N ILE A 305 11.53 -21.03 1.95
CA ILE A 305 12.15 -20.59 0.71
C ILE A 305 11.49 -19.30 0.21
N ASN A 306 12.30 -18.38 -0.31
CA ASN A 306 11.82 -17.13 -0.91
C ASN A 306 11.65 -17.28 -2.41
N LEU A 307 10.78 -16.45 -2.98
CA LEU A 307 10.52 -16.44 -4.42
C LEU A 307 10.64 -15.04 -4.96
N GLY A 308 11.39 -14.88 -6.05
CA GLY A 308 11.51 -13.60 -6.70
C GLY A 308 11.41 -13.77 -8.21
N PHE A 309 11.32 -12.63 -8.89
CA PHE A 309 11.31 -12.59 -10.33
C PHE A 309 12.21 -11.46 -10.84
N ALA A 310 12.82 -11.71 -12.00
CA ALA A 310 13.58 -10.70 -12.72
C ALA A 310 12.84 -10.39 -14.01
N TYR A 311 12.56 -9.10 -14.25
CA TYR A 311 11.83 -8.68 -15.42
C TYR A 311 12.59 -7.54 -16.09
N ILE A 312 12.63 -7.57 -17.43
CA ILE A 312 13.30 -6.54 -18.23
C ILE A 312 12.23 -5.64 -18.83
N VAL A 313 12.30 -4.33 -18.57
CA VAL A 313 11.37 -3.41 -19.24
C VAL A 313 11.96 -3.05 -20.60
N LEU A 314 11.14 -3.24 -21.66
CA LEU A 314 11.53 -2.98 -23.04
C LEU A 314 11.13 -1.57 -23.44
N PRO A 315 11.84 -0.96 -24.38
CA PRO A 315 11.57 0.44 -24.73
C PRO A 315 10.15 0.62 -25.24
N GLY A 316 9.44 1.58 -24.65
CA GLY A 316 8.06 1.84 -25.00
C GLY A 316 7.05 0.90 -24.38
N ARG A 317 7.51 -0.21 -23.79
CA ARG A 317 6.63 -1.22 -23.21
C ARG A 317 6.61 -1.16 -21.69
N ALA A 318 6.95 -0.01 -21.10
CA ALA A 318 7.00 0.08 -19.64
C ALA A 318 5.63 -0.06 -19.01
N SER A 319 4.56 0.17 -19.77
CA SER A 319 3.22 -0.06 -19.25
C SER A 319 2.99 -1.51 -18.88
N ARG A 320 3.82 -2.43 -19.38
CA ARG A 320 3.64 -3.84 -19.04
C ARG A 320 3.94 -4.13 -17.58
N LEU A 321 4.58 -3.19 -16.87
CA LEU A 321 4.84 -3.38 -15.44
C LEU A 321 3.54 -3.56 -14.66
N LEU A 322 2.44 -2.96 -15.14
CA LEU A 322 1.16 -3.18 -14.47
C LEU A 322 0.70 -4.63 -14.65
N ASP A 323 0.93 -5.21 -15.83
CA ASP A 323 0.63 -6.61 -16.01
C ASP A 323 1.54 -7.50 -15.18
N LEU A 324 2.75 -7.03 -14.88
CA LEU A 324 3.61 -7.82 -13.99
C LEU A 324 3.02 -7.88 -12.59
N VAL A 325 2.34 -6.82 -12.15
CA VAL A 325 1.67 -6.86 -10.86
C VAL A 325 0.54 -7.88 -10.88
N ASP A 326 -0.28 -7.86 -11.93
CA ASP A 326 -1.36 -8.83 -12.06
C ASP A 326 -0.80 -10.25 -12.00
N PHE A 327 0.26 -10.51 -12.77
CA PHE A 327 0.93 -11.81 -12.73
C PHE A 327 1.29 -12.21 -11.30
N ILE A 328 1.85 -11.26 -10.53
CA ILE A 328 2.32 -11.60 -9.20
C ILE A 328 1.15 -11.79 -8.25
N ALA A 329 0.13 -10.93 -8.35
CA ALA A 329 -1.05 -11.10 -7.51
C ALA A 329 -1.70 -12.45 -7.73
N ASP A 330 -1.79 -12.89 -8.99
CA ASP A 330 -2.33 -14.21 -9.28
C ASP A 330 -1.55 -15.30 -8.54
N LEU A 331 -0.21 -15.23 -8.58
CA LEU A 331 0.59 -16.23 -7.88
C LEU A 331 0.35 -16.17 -6.37
N ASN A 332 0.18 -14.95 -5.84
CA ASN A 332 -0.15 -14.80 -4.43
C ASN A 332 -1.46 -15.49 -4.09
N ASP A 333 -2.42 -15.49 -5.02
CA ASP A 333 -3.67 -16.21 -4.79
C ASP A 333 -3.43 -17.71 -4.76
N ALA A 334 -2.51 -18.20 -5.58
CA ALA A 334 -2.16 -19.62 -5.51
C ALA A 334 -1.53 -19.98 -4.17
N GLY A 335 -0.98 -18.99 -3.48
CA GLY A 335 -0.18 -19.24 -2.29
C GLY A 335 -0.90 -19.31 -0.97
N GLN A 336 -2.22 -19.16 -0.92
CA GLN A 336 -3.02 -19.27 0.30
C GLN A 336 -2.41 -18.46 1.45
N GLY A 337 -2.00 -17.23 1.15
CA GLY A 337 -1.39 -16.41 2.17
C GLY A 337 0.10 -16.17 1.94
N ARG A 338 0.83 -17.16 1.44
CA ARG A 338 2.26 -16.99 1.18
C ARG A 338 2.45 -16.17 -0.09
N THR A 339 3.12 -15.02 0.04
CA THR A 339 3.22 -14.08 -1.06
C THR A 339 4.60 -14.15 -1.73
N ILE A 340 4.65 -13.69 -2.98
CA ILE A 340 5.93 -13.48 -3.67
C ILE A 340 6.73 -12.42 -2.93
N ASP A 341 8.03 -12.68 -2.75
CA ASP A 341 8.83 -11.84 -1.86
C ASP A 341 9.43 -10.63 -2.56
N PHE A 342 9.95 -10.76 -3.77
CA PHE A 342 10.64 -9.64 -4.38
C PHE A 342 10.54 -9.72 -5.90
N VAL A 343 10.80 -8.59 -6.54
CA VAL A 343 10.90 -8.50 -7.99
C VAL A 343 12.08 -7.60 -8.32
N ASN A 344 12.85 -7.98 -9.34
CA ASN A 344 13.98 -7.18 -9.81
C ASN A 344 13.64 -6.68 -11.20
N ILE A 345 13.66 -5.36 -11.37
CA ILE A 345 13.24 -4.73 -12.62
C ILE A 345 14.41 -3.91 -13.13
N ARG A 346 14.78 -4.12 -14.40
CA ARG A 346 15.85 -3.35 -15.03
C ARG A 346 15.47 -3.06 -16.47
N GLU A 347 16.16 -2.10 -17.08
CA GLU A 347 15.84 -1.72 -18.45
C GLU A 347 16.78 -2.38 -19.45
N ASP A 348 16.33 -2.40 -20.71
CA ASP A 348 17.10 -2.94 -21.84
C ASP A 348 17.45 -4.41 -21.68
N ALA A 363 3.43 7.30 -23.18
CA ALA A 363 4.52 6.55 -22.56
C ALA A 363 5.59 7.48 -22.02
N GLU A 364 5.85 7.38 -20.71
CA GLU A 364 7.00 8.06 -20.10
C GLU A 364 7.42 7.22 -18.89
N LEU A 365 8.64 6.68 -18.97
CA LEU A 365 9.15 5.73 -17.99
C LEU A 365 8.86 6.13 -16.56
N GLN A 366 9.17 7.38 -16.19
CA GLN A 366 9.01 7.82 -14.81
C GLN A 366 7.56 7.71 -14.35
N GLU A 367 6.61 7.90 -15.26
CA GLU A 367 5.21 7.71 -14.91
C GLU A 367 4.87 6.23 -14.76
N ALA A 368 5.33 5.41 -15.70
CA ALA A 368 5.08 3.97 -15.62
C ALA A 368 5.69 3.39 -14.36
N LEU A 369 6.89 3.85 -13.99
CA LEU A 369 7.47 3.42 -12.73
C LEU A 369 6.62 3.85 -11.54
N ASN A 370 6.12 5.09 -11.58
CA ASN A 370 5.25 5.57 -10.51
C ASN A 370 3.95 4.76 -10.43
N ALA A 371 3.28 4.59 -11.58
CA ALA A 371 2.09 3.76 -11.61
C ALA A 371 2.39 2.34 -11.13
N PHE A 372 3.53 1.79 -11.55
CA PHE A 372 3.91 0.45 -11.10
C PHE A 372 4.04 0.40 -9.59
N GLU A 373 4.70 1.39 -9.00
CA GLU A 373 4.89 1.37 -7.56
C GLU A 373 3.57 1.51 -6.82
N GLU A 374 2.65 2.32 -7.36
CA GLU A 374 1.33 2.45 -6.75
C GLU A 374 0.57 1.13 -6.83
N ARG A 375 0.59 0.49 -8.01
CA ARG A 375 -0.11 -0.77 -8.20
C ARG A 375 0.40 -1.84 -7.24
N VAL A 376 1.71 -1.86 -6.99
CA VAL A 376 2.27 -2.82 -6.04
C VAL A 376 1.76 -2.54 -4.63
N ARG A 377 1.81 -1.27 -4.20
CA ARG A 377 1.27 -0.93 -2.89
C ARG A 377 -0.20 -1.33 -2.78
N GLU A 378 -0.96 -1.14 -3.86
CA GLU A 378 -2.37 -1.54 -3.85
C GLU A 378 -2.53 -3.05 -3.77
N ARG A 379 -2.05 -3.78 -4.79
CA ARG A 379 -2.38 -5.19 -4.96
C ARG A 379 -1.45 -6.15 -4.19
N THR A 380 -0.15 -5.87 -4.14
CA THR A 380 0.82 -6.79 -3.57
C THR A 380 1.72 -6.06 -2.57
N PRO A 381 1.15 -5.52 -1.48
CA PRO A 381 1.93 -4.61 -0.62
C PRO A 381 3.19 -5.22 -0.04
N GLY A 382 3.23 -6.52 0.18
CA GLY A 382 4.44 -7.14 0.71
C GLY A 382 5.56 -7.33 -0.29
N LEU A 383 5.35 -6.99 -1.56
CA LEU A 383 6.35 -7.22 -2.60
C LEU A 383 7.49 -6.21 -2.49
N HIS A 384 8.72 -6.71 -2.37
CA HIS A 384 9.89 -5.83 -2.37
C HIS A 384 10.34 -5.58 -3.81
N ILE A 385 10.51 -4.30 -4.16
CA ILE A 385 10.98 -3.92 -5.49
C ILE A 385 12.47 -3.58 -5.41
N ASP A 386 13.28 -4.24 -6.23
CA ASP A 386 14.67 -3.88 -6.41
C ASP A 386 14.84 -3.36 -7.83
N TYR A 387 15.25 -2.10 -7.97
CA TYR A 387 15.42 -1.46 -9.25
C TYR A 387 16.87 -1.62 -9.71
N GLY A 388 17.04 -1.93 -10.99
CA GLY A 388 18.37 -1.90 -11.57
C GLY A 388 18.94 -0.49 -11.52
N TYR A 389 20.23 -0.38 -11.89
CA TYR A 389 20.96 0.87 -11.69
C TYR A 389 20.33 2.02 -12.47
N ALA A 390 19.98 1.78 -13.73
CA ALA A 390 19.41 2.85 -14.55
C ALA A 390 18.00 3.21 -14.07
N LEU A 391 17.10 2.22 -14.01
CA LEU A 391 15.71 2.49 -13.64
C LEU A 391 15.60 3.17 -12.28
N ASN A 392 16.59 2.97 -11.41
CA ASN A 392 16.52 3.60 -10.09
C ASN A 392 16.61 5.13 -10.19
N SER A 393 17.42 5.66 -11.11
CA SER A 393 17.42 7.12 -11.27
C SER A 393 16.29 7.59 -12.16
N LEU A 394 15.93 6.82 -13.19
CA LEU A 394 14.74 7.14 -13.97
C LEU A 394 13.50 7.27 -13.08
N ARG A 395 13.50 6.64 -11.89
CA ARG A 395 12.40 6.78 -10.95
C ARG A 395 12.05 8.25 -10.71
N THR A 396 13.07 9.06 -10.45
CA THR A 396 12.88 10.46 -10.07
C THR A 396 13.08 11.42 -11.24
N GLY A 397 13.07 10.90 -12.48
CA GLY A 397 13.20 11.74 -13.65
C GLY A 397 14.62 12.10 -14.03
N ALA A 398 15.62 11.51 -13.40
CA ALA A 398 17.00 11.81 -13.75
C ALA A 398 17.42 11.06 -15.01
N ASP A 399 18.17 11.75 -15.86
CA ASP A 399 18.79 11.12 -17.02
C ASP A 399 19.78 10.07 -16.57
N ALA A 400 19.62 8.84 -17.08
CA ALA A 400 20.51 7.75 -16.69
C ALA A 400 20.72 6.80 -17.84
N GLU A 401 21.99 6.53 -18.14
CA GLU A 401 22.40 5.47 -19.03
C GLU A 401 23.14 4.40 -18.23
N LEU A 402 22.95 3.14 -18.60
CA LEU A 402 23.76 2.09 -18.02
C LEU A 402 25.21 2.24 -18.48
N LEU A 403 26.12 1.67 -17.69
CA LEU A 403 27.52 1.63 -18.10
C LEU A 403 27.67 0.92 -19.44
N ARG A 404 28.63 1.38 -20.24
CA ARG A 404 28.96 0.69 -21.48
C ARG A 404 30.49 0.62 -21.54
N ILE A 405 31.04 -0.31 -20.77
CA ILE A 405 32.47 -0.60 -20.80
C ILE A 405 32.84 -1.06 -22.21
N LYS A 406 34.02 -0.62 -22.65
CA LYS A 406 34.58 -1.00 -23.94
C LYS A 406 35.95 -1.64 -23.68
N PRO A 407 36.56 -2.30 -24.66
CA PRO A 407 37.84 -2.97 -24.37
C PRO A 407 38.90 -2.05 -23.79
N ALA A 408 38.87 -0.77 -24.15
CA ALA A 408 39.86 0.18 -23.63
C ALA A 408 39.71 0.39 -22.14
N THR A 409 38.51 0.24 -21.58
CA THR A 409 38.29 0.45 -20.14
C THR A 409 38.12 -0.87 -19.37
N MET A 410 38.34 -2.01 -20.00
CA MET A 410 38.37 -3.27 -19.27
C MET A 410 39.70 -3.40 -18.54
N ARG A 411 39.65 -3.95 -17.32
CA ARG A 411 40.86 -4.20 -16.56
C ARG A 411 41.39 -5.59 -16.91
N PRO A 412 42.61 -5.69 -17.45
CA PRO A 412 43.10 -7.00 -17.91
C PRO A 412 43.20 -8.04 -16.82
N THR A 413 43.39 -7.64 -15.56
CA THR A 413 43.38 -8.60 -14.46
C THR A 413 41.99 -9.08 -14.09
N ALA A 414 40.94 -8.46 -14.61
CA ALA A 414 39.55 -8.70 -14.20
C ALA A 414 39.47 -8.49 -12.68
N HIS A 415 38.55 -9.17 -12.01
CA HIS A 415 38.36 -8.95 -10.57
C HIS A 415 37.97 -10.24 -9.86
N PRO A 416 38.84 -11.28 -9.91
CA PRO A 416 38.48 -12.55 -9.25
C PRO A 416 38.37 -12.43 -7.75
N GLN A 417 38.98 -11.41 -7.14
CA GLN A 417 38.73 -11.17 -5.72
C GLN A 417 37.27 -10.86 -5.46
N VAL A 418 36.58 -10.33 -6.46
CA VAL A 418 35.18 -9.95 -6.31
C VAL A 418 34.24 -11.06 -6.79
N ALA A 419 34.48 -11.60 -7.98
CA ALA A 419 33.56 -12.59 -8.52
C ALA A 419 34.27 -13.50 -9.51
N VAL A 420 33.94 -14.79 -9.45
CA VAL A 420 34.26 -15.77 -10.49
C VAL A 420 33.05 -16.66 -10.66
N GLN A 421 33.02 -17.40 -11.78
CA GLN A 421 31.94 -18.33 -12.06
C GLN A 421 32.57 -19.65 -12.50
N VAL A 422 31.95 -20.77 -12.13
CA VAL A 422 32.51 -22.10 -12.41
C VAL A 422 31.45 -22.91 -13.15
N ASP A 423 31.82 -23.48 -14.30
CA ASP A 423 30.87 -24.27 -15.07
C ASP A 423 31.09 -25.76 -14.83
N LEU A 424 30.30 -26.58 -15.53
CA LEU A 424 30.29 -28.03 -15.29
C LEU A 424 31.67 -28.66 -15.48
N LEU A 425 32.48 -28.12 -16.39
CA LEU A 425 33.81 -28.66 -16.62
C LEU A 425 34.81 -28.25 -15.55
N GLY A 426 34.42 -27.40 -14.61
CA GLY A 426 35.36 -26.84 -13.66
C GLY A 426 36.08 -25.58 -14.13
N ASP A 427 35.81 -25.12 -15.34
CA ASP A 427 36.46 -23.89 -15.83
C ASP A 427 35.98 -22.69 -15.02
N VAL A 428 36.92 -21.87 -14.59
CA VAL A 428 36.66 -20.71 -13.73
C VAL A 428 36.67 -19.47 -14.62
N TYR A 429 35.49 -18.90 -14.85
CA TYR A 429 35.35 -17.77 -15.74
C TYR A 429 35.40 -16.45 -14.96
N LEU A 430 36.06 -15.46 -15.56
CA LEU A 430 36.31 -14.19 -14.89
C LEU A 430 35.15 -13.22 -15.02
N TYR A 431 34.26 -13.43 -15.98
CA TYR A 431 33.11 -12.56 -16.21
C TYR A 431 31.87 -13.43 -16.36
N ARG A 432 30.74 -12.90 -15.87
CA ARG A 432 29.54 -13.72 -15.68
C ARG A 432 29.00 -14.26 -16.99
N GLU A 433 29.14 -13.51 -18.08
CA GLU A 433 28.56 -13.95 -19.35
C GLU A 433 29.58 -14.55 -20.31
N ALA A 434 30.77 -14.90 -19.81
CA ALA A 434 31.68 -15.73 -20.60
C ALA A 434 31.45 -17.22 -20.41
N GLY A 435 30.76 -17.62 -19.34
CA GLY A 435 30.59 -19.02 -19.03
C GLY A 435 29.56 -19.76 -19.87
N PHE A 436 29.74 -19.78 -21.18
CA PHE A 436 28.88 -20.49 -22.11
C PHE A 436 29.73 -21.42 -22.96
N PRO A 437 29.31 -22.66 -23.18
CA PRO A 437 30.07 -23.55 -24.07
C PRO A 437 30.05 -23.03 -25.50
N ASP A 438 31.17 -23.18 -26.20
CA ASP A 438 31.33 -22.83 -27.61
C ASP A 438 31.10 -21.34 -27.88
N LEU A 439 31.26 -20.48 -26.89
CA LEU A 439 31.07 -19.05 -27.08
C LEU A 439 32.38 -18.42 -27.56
N ASP A 440 32.32 -17.71 -28.70
CA ASP A 440 33.53 -17.28 -29.38
C ASP A 440 34.36 -16.35 -28.51
N GLY A 441 35.61 -16.72 -28.29
CA GLY A 441 36.57 -15.91 -27.56
C GLY A 441 36.47 -15.99 -26.05
N ALA A 442 35.54 -16.78 -25.52
CA ALA A 442 35.26 -16.75 -24.09
C ALA A 442 36.26 -17.55 -23.27
N THR A 443 36.89 -18.58 -23.84
CA THR A 443 37.85 -19.38 -23.09
C THR A 443 39.13 -18.61 -22.76
N ARG A 444 39.39 -17.50 -23.45
CA ARG A 444 40.47 -16.61 -23.05
C ARG A 444 40.27 -16.10 -21.62
N TYR A 445 39.02 -16.07 -21.15
CA TYR A 445 38.72 -15.53 -19.83
C TYR A 445 38.56 -16.61 -18.78
N ILE A 446 39.14 -17.79 -19.00
CA ILE A 446 39.22 -18.84 -17.98
C ILE A 446 40.48 -18.61 -17.16
N ALA A 447 40.31 -18.41 -15.85
CA ALA A 447 41.48 -18.24 -15.00
C ALA A 447 42.15 -19.57 -14.69
N GLY A 448 41.41 -20.66 -14.81
CA GLY A 448 41.92 -21.99 -14.57
C GLY A 448 40.77 -22.96 -14.44
N ARG A 449 41.10 -24.22 -14.19
CA ARG A 449 40.09 -25.26 -14.09
C ARG A 449 40.20 -25.97 -12.76
N VAL A 450 39.08 -26.04 -12.03
CA VAL A 450 39.02 -26.83 -10.80
C VAL A 450 39.00 -28.31 -11.16
N THR A 451 39.93 -29.07 -10.58
CA THR A 451 40.03 -30.51 -10.82
C THR A 451 40.24 -31.21 -9.48
N PRO A 452 40.29 -32.54 -9.44
CA PRO A 452 40.72 -33.20 -8.19
C PRO A 452 42.08 -32.72 -7.66
N ASP A 453 42.96 -32.26 -8.54
CA ASP A 453 44.29 -31.82 -8.15
C ASP A 453 44.39 -30.32 -7.86
N THR A 454 43.41 -29.52 -8.27
CA THR A 454 43.49 -28.07 -8.15
C THR A 454 42.15 -27.54 -7.65
N SER A 455 42.20 -26.78 -6.56
CA SER A 455 40.98 -26.28 -5.96
C SER A 455 40.61 -24.93 -6.56
N LEU A 456 39.41 -24.45 -6.22
CA LEU A 456 39.08 -23.08 -6.63
C LEU A 456 40.02 -22.09 -5.97
N THR A 457 40.28 -22.27 -4.66
CA THR A 457 41.24 -21.43 -3.96
C THR A 457 42.55 -21.35 -4.72
N GLU A 458 43.05 -22.50 -5.19
CA GLU A 458 44.35 -22.51 -5.87
C GLU A 458 44.26 -21.84 -7.25
N VAL A 459 43.20 -22.12 -8.01
CA VAL A 459 43.02 -21.50 -9.32
C VAL A 459 43.09 -19.99 -9.21
N VAL A 460 42.38 -19.42 -8.24
CA VAL A 460 42.32 -17.97 -8.11
C VAL A 460 43.66 -17.44 -7.61
N ARG A 461 44.21 -18.05 -6.55
CA ARG A 461 45.49 -17.62 -6.02
C ARG A 461 46.58 -17.67 -7.08
N ASP A 462 46.67 -18.78 -7.80
CA ASP A 462 47.71 -18.92 -8.82
C ASP A 462 47.56 -17.85 -9.90
N PHE A 463 46.33 -17.60 -10.35
CA PHE A 463 46.11 -16.60 -11.39
C PHE A 463 46.46 -15.19 -10.89
N VAL A 464 46.15 -14.89 -9.63
CA VAL A 464 46.45 -13.56 -9.11
C VAL A 464 47.95 -13.41 -8.87
N GLU A 465 48.60 -14.45 -8.34
CA GLU A 465 50.01 -14.33 -7.96
C GLU A 465 50.93 -14.25 -9.16
N ARG A 466 50.57 -14.86 -10.28
CA ARG A 466 51.38 -14.74 -11.49
C ARG A 466 51.06 -13.47 -12.29
N GLY A 467 50.28 -12.55 -11.73
CA GLY A 467 49.90 -11.35 -12.46
C GLY A 467 49.14 -11.63 -13.74
N GLY A 468 48.30 -12.68 -13.74
CA GLY A 468 47.52 -13.04 -14.91
C GLY A 468 46.75 -11.88 -15.48
N GLU A 469 46.77 -11.77 -16.81
CA GLU A 469 46.17 -10.63 -17.49
C GLU A 469 45.68 -11.07 -18.87
N VAL A 470 44.45 -10.67 -19.21
CA VAL A 470 43.86 -10.99 -20.50
C VAL A 470 43.71 -9.69 -21.27
N ALA A 471 44.40 -9.58 -22.40
CA ALA A 471 44.29 -8.40 -23.22
C ALA A 471 42.90 -8.35 -23.85
N ALA A 472 42.26 -7.19 -23.78
CA ALA A 472 40.90 -7.04 -24.25
C ALA A 472 40.88 -6.89 -25.77
N VAL A 473 40.12 -7.76 -26.45
CA VAL A 473 39.86 -7.63 -27.88
C VAL A 473 38.42 -7.19 -28.07
N ASP A 474 38.11 -6.64 -29.25
CA ASP A 474 36.77 -6.15 -29.52
C ASP A 474 35.73 -7.25 -29.32
N GLY A 475 34.66 -6.91 -28.60
CA GLY A 475 33.61 -7.85 -28.30
C GLY A 475 33.72 -8.50 -26.92
N ASP A 476 34.91 -8.46 -26.31
CA ASP A 476 35.09 -9.07 -25.01
C ASP A 476 34.21 -8.41 -23.96
N GLU A 477 33.85 -7.14 -24.17
CA GLU A 477 33.06 -6.41 -23.19
C GLU A 477 31.68 -7.01 -23.01
N TYR A 478 31.19 -7.76 -24.00
CA TYR A 478 29.88 -8.39 -23.85
C TYR A 478 29.93 -9.65 -22.98
N PHE A 479 31.12 -10.08 -22.57
CA PHE A 479 31.23 -11.14 -21.56
C PHE A 479 30.88 -10.62 -20.17
N MET A 480 30.79 -9.31 -19.98
CA MET A 480 30.52 -8.73 -18.68
C MET A 480 29.02 -8.54 -18.48
N ASP A 481 28.55 -8.86 -17.28
CA ASP A 481 27.18 -8.54 -16.96
C ASP A 481 27.15 -7.15 -16.30
N GLY A 482 25.97 -6.73 -15.85
CA GLY A 482 25.86 -5.41 -15.26
C GLY A 482 26.73 -5.27 -14.03
N PHE A 483 26.80 -6.33 -13.22
CA PHE A 483 27.64 -6.33 -12.03
C PHE A 483 29.12 -6.20 -12.39
N ASP A 484 29.57 -6.98 -13.37
CA ASP A 484 30.96 -6.88 -13.83
C ASP A 484 31.30 -5.46 -14.28
N GLN A 485 30.36 -4.78 -14.94
CA GLN A 485 30.66 -3.45 -15.44
C GLN A 485 30.73 -2.43 -14.31
N VAL A 486 29.84 -2.55 -13.30
CA VAL A 486 29.92 -1.69 -12.13
C VAL A 486 31.24 -1.92 -11.39
N VAL A 487 31.62 -3.19 -11.22
CA VAL A 487 32.87 -3.49 -10.51
C VAL A 487 34.07 -2.94 -11.28
N THR A 488 34.06 -3.10 -12.61
CA THR A 488 35.13 -2.56 -13.44
C THR A 488 35.20 -1.04 -13.33
N ALA A 489 34.05 -0.37 -13.45
CA ALA A 489 34.02 1.08 -13.41
C ALA A 489 34.49 1.60 -12.06
N ARG A 490 34.07 0.94 -10.97
CA ARG A 490 34.51 1.32 -9.63
C ARG A 490 36.01 1.17 -9.46
N LEU A 491 36.58 0.05 -9.93
CA LEU A 491 38.01 -0.15 -9.79
C LEU A 491 38.79 0.80 -10.68
N ASN A 492 38.27 1.12 -11.87
CA ASN A 492 38.92 2.12 -12.70
C ASN A 492 38.95 3.46 -11.98
N GLN A 493 37.86 3.79 -11.31
CA GLN A 493 37.78 5.03 -10.54
C GLN A 493 38.76 5.01 -9.38
N LEU A 494 38.78 3.91 -8.61
CA LEU A 494 39.71 3.81 -7.49
C LEU A 494 41.16 3.90 -7.96
N GLU A 495 41.48 3.24 -9.08
CA GLU A 495 42.84 3.30 -9.59
C GLU A 495 43.18 4.73 -10.05
N ARG A 496 42.22 5.42 -10.67
CA ARG A 496 42.50 6.80 -11.10
C ARG A 496 42.69 7.72 -9.91
N ASP A 497 41.84 7.60 -8.89
CA ASP A 497 41.95 8.47 -7.71
C ASP A 497 43.27 8.25 -6.98
N ALA A 498 43.68 6.99 -6.82
CA ALA A 498 44.95 6.72 -6.18
C ALA A 498 46.11 7.27 -7.02
N ALA A 499 46.03 7.13 -8.34
CA ALA A 499 47.09 7.64 -9.21
C ALA A 499 47.20 9.15 -9.14
N ASP A 500 46.06 9.85 -8.95
CA ASP A 500 46.04 11.30 -8.81
C ASP A 500 46.39 11.77 -7.40
N GLY A 501 46.88 10.88 -6.54
CA GLY A 501 47.28 11.29 -5.21
C GLY A 501 46.16 11.46 -4.21
N TRP A 502 45.02 10.81 -4.44
CA TRP A 502 43.91 10.81 -3.48
C TRP A 502 43.70 9.41 -2.92
N GLU A 503 44.73 8.82 -2.33
CA GLU A 503 44.69 7.42 -1.95
C GLU A 503 43.59 7.14 -0.91
N GLU A 504 43.58 7.90 0.19
CA GLU A 504 42.63 7.60 1.26
C GLU A 504 41.20 7.96 0.86
N ALA A 505 41.02 9.04 0.10
CA ALA A 505 39.70 9.50 -0.33
C ALA A 505 39.20 8.78 -1.57
N ARG A 506 39.97 7.81 -2.07
CA ARG A 506 39.67 7.18 -3.34
C ARG A 506 38.23 6.67 -3.39
N GLY A 507 37.56 6.93 -4.51
CA GLY A 507 36.18 6.57 -4.68
C GLY A 507 35.17 7.52 -4.07
N PHE A 508 35.62 8.62 -3.44
CA PHE A 508 34.79 9.68 -2.87
C PHE A 508 34.03 9.25 -1.62
N LEU A 509 33.12 8.28 -1.75
CA LEU A 509 32.46 7.65 -0.62
C LEU A 509 32.91 6.20 -0.49
N ARG A 510 33.11 5.75 0.74
CA ARG A 510 33.34 4.34 0.99
C ARG A 510 32.76 3.92 2.34
N ALA B 35 -50.69 -3.94 15.60
CA ALA B 35 -50.87 -5.08 14.72
C ALA B 35 -49.79 -6.12 14.98
N PRO B 36 -50.20 -7.34 15.35
CA PRO B 36 -49.21 -8.37 15.73
C PRO B 36 -48.19 -8.66 14.63
N ALA B 37 -48.63 -8.73 13.37
CA ALA B 37 -47.70 -9.02 12.30
C ALA B 37 -46.69 -7.89 12.10
N GLU B 38 -47.04 -6.67 12.50
CA GLU B 38 -46.17 -5.51 12.29
C GLU B 38 -45.04 -5.43 13.31
N ARG B 39 -45.18 -6.05 14.49
CA ARG B 39 -44.16 -5.94 15.53
C ARG B 39 -43.54 -7.28 15.89
N CYS B 40 -43.66 -8.27 15.02
CA CYS B 40 -43.25 -9.64 15.35
C CYS B 40 -41.74 -9.81 15.49
N ALA B 41 -40.93 -8.84 15.08
CA ALA B 41 -39.48 -8.99 15.18
C ALA B 41 -38.92 -8.56 16.52
N HIS B 42 -39.69 -7.89 17.36
CA HIS B 42 -39.18 -7.40 18.62
C HIS B 42 -39.14 -8.51 19.67
N PRO B 43 -38.22 -8.42 20.63
CA PRO B 43 -38.13 -9.45 21.68
C PRO B 43 -39.47 -9.67 22.36
N GLY B 44 -39.77 -10.94 22.62
CA GLY B 44 -41.02 -11.29 23.28
C GLY B 44 -42.27 -10.97 22.49
N ALA B 45 -42.14 -10.71 21.19
CA ALA B 45 -43.30 -10.45 20.37
C ALA B 45 -44.21 -11.66 20.34
N ASP B 46 -45.51 -11.40 20.17
CA ASP B 46 -46.52 -12.46 20.10
C ASP B 46 -46.47 -13.07 18.71
N LEU B 47 -45.73 -14.16 18.56
CA LEU B 47 -45.61 -14.81 17.26
C LEU B 47 -46.87 -15.60 16.89
N GLY B 48 -47.55 -16.19 17.87
CA GLY B 48 -48.82 -16.86 17.58
C GLY B 48 -49.82 -15.94 16.91
N ALA B 49 -50.00 -14.74 17.47
CA ALA B 49 -50.92 -13.77 16.87
C ALA B 49 -50.43 -13.27 15.52
N ALA B 50 -49.11 -13.18 15.34
CA ALA B 50 -48.58 -12.75 14.05
C ALA B 50 -48.81 -13.83 12.99
N VAL B 51 -48.52 -15.09 13.32
CA VAL B 51 -48.77 -16.18 12.39
C VAL B 51 -50.24 -16.21 11.99
N HIS B 52 -51.15 -16.05 12.97
CA HIS B 52 -52.56 -16.08 12.64
C HIS B 52 -52.95 -14.95 11.70
N ALA B 53 -52.44 -13.74 11.95
CA ALA B 53 -52.79 -12.59 11.11
C ALA B 53 -52.28 -12.79 9.68
N VAL B 54 -51.05 -13.27 9.54
CA VAL B 54 -50.48 -13.47 8.20
C VAL B 54 -51.22 -14.58 7.49
N GLY B 55 -51.54 -15.67 8.19
CA GLY B 55 -52.32 -16.73 7.58
C GLY B 55 -53.67 -16.26 7.08
N GLN B 56 -54.29 -15.30 7.78
CA GLN B 56 -55.53 -14.72 7.30
C GLN B 56 -55.28 -13.84 6.07
N THR B 57 -54.18 -13.10 6.06
CA THR B 57 -53.87 -12.30 4.89
C THR B 57 -53.63 -13.18 3.66
N LEU B 58 -52.95 -14.32 3.86
CA LEU B 58 -52.67 -15.22 2.76
C LEU B 58 -53.95 -15.88 2.25
N ALA B 59 -54.77 -16.39 3.15
CA ALA B 59 -56.01 -17.05 2.75
C ALA B 59 -56.97 -16.05 2.11
N ALA B 60 -57.10 -14.85 2.68
CA ALA B 60 -58.00 -13.82 2.16
C ALA B 60 -57.54 -13.27 0.82
N GLY B 61 -56.40 -13.69 0.30
CA GLY B 61 -55.94 -13.23 -0.99
C GLY B 61 -55.87 -14.33 -2.02
N GLY B 62 -56.31 -15.54 -1.63
CA GLY B 62 -56.23 -16.70 -2.49
C GLY B 62 -54.81 -17.15 -2.74
N LEU B 63 -53.86 -16.57 -2.00
CA LEU B 63 -52.45 -16.88 -2.22
C LEU B 63 -52.10 -18.27 -1.75
N VAL B 64 -52.73 -18.73 -0.67
CA VAL B 64 -52.43 -20.04 -0.08
C VAL B 64 -53.77 -20.64 0.34
N PRO B 65 -54.04 -21.91 0.06
CA PRO B 65 -55.29 -22.52 0.57
C PRO B 65 -55.24 -22.62 2.09
N PRO B 66 -56.40 -22.46 2.75
CA PRO B 66 -56.38 -22.18 4.20
C PRO B 66 -55.77 -23.29 5.06
N ASP B 67 -55.88 -24.56 4.65
CA ASP B 67 -55.34 -25.61 5.51
C ASP B 67 -53.81 -25.62 5.49
N GLU B 68 -53.18 -25.12 4.44
CA GLU B 68 -51.73 -25.00 4.43
C GLU B 68 -51.25 -23.57 4.64
N ALA B 69 -52.16 -22.64 4.95
CA ALA B 69 -51.80 -21.24 5.14
C ALA B 69 -51.04 -20.99 6.44
N GLY B 70 -51.31 -21.77 7.49
CA GLY B 70 -50.58 -21.60 8.74
C GLY B 70 -49.11 -21.93 8.60
N THR B 71 -48.81 -23.04 7.90
CA THR B 71 -47.42 -23.45 7.70
C THR B 71 -46.64 -22.41 6.89
N THR B 72 -47.22 -21.95 5.78
CA THR B 72 -46.57 -20.90 5.00
C THR B 72 -46.35 -19.64 5.85
N ALA B 73 -47.33 -19.29 6.70
CA ALA B 73 -47.25 -18.06 7.49
C ALA B 73 -46.17 -18.16 8.56
N ARG B 74 -46.02 -19.34 9.17
CA ARG B 74 -44.93 -19.55 10.11
C ARG B 74 -43.57 -19.26 9.48
N HIS B 75 -43.41 -19.64 8.21
CA HIS B 75 -42.15 -19.41 7.51
C HIS B 75 -41.96 -17.92 7.21
N LEU B 76 -43.00 -17.26 6.67
CA LEU B 76 -42.88 -15.84 6.38
C LEU B 76 -42.61 -15.04 7.65
N VAL B 77 -43.25 -15.43 8.76
CA VAL B 77 -43.02 -14.73 10.01
C VAL B 77 -41.60 -14.95 10.50
N ARG B 78 -41.08 -16.18 10.36
CA ARG B 78 -39.68 -16.43 10.71
C ARG B 78 -38.75 -15.53 9.93
N LEU B 79 -38.99 -15.41 8.63
CA LEU B 79 -38.16 -14.52 7.81
C LEU B 79 -38.23 -13.08 8.31
N ALA B 80 -39.42 -12.60 8.63
CA ALA B 80 -39.55 -11.22 9.12
C ALA B 80 -38.80 -11.03 10.44
N VAL B 81 -38.90 -12.01 11.34
CA VAL B 81 -38.14 -11.97 12.60
C VAL B 81 -36.65 -11.94 12.30
N ARG B 82 -36.19 -12.84 11.42
CA ARG B 82 -34.77 -12.95 11.15
C ARG B 82 -34.21 -11.65 10.59
N TYR B 83 -34.86 -11.10 9.58
CA TYR B 83 -34.36 -9.89 8.94
C TYR B 83 -34.71 -8.63 9.73
N GLY B 84 -35.67 -8.70 10.65
CA GLY B 84 -35.88 -7.61 11.60
C GLY B 84 -34.84 -7.52 12.70
N ASN B 85 -33.96 -8.52 12.80
CA ASN B 85 -32.90 -8.59 13.80
C ASN B 85 -31.51 -8.67 13.22
N SER B 86 -31.30 -9.40 12.12
CA SER B 86 -30.00 -9.55 11.46
C SER B 86 -30.22 -9.22 9.99
N PRO B 87 -30.04 -7.96 9.61
CA PRO B 87 -30.43 -7.55 8.25
C PRO B 87 -29.51 -8.07 7.16
N PHE B 88 -28.29 -8.50 7.48
CA PHE B 88 -27.30 -8.90 6.48
C PHE B 88 -27.27 -10.40 6.20
N THR B 89 -28.21 -11.16 6.73
CA THR B 89 -28.19 -12.60 6.58
C THR B 89 -28.24 -13.00 5.11
N PRO B 90 -27.27 -13.77 4.62
CA PRO B 90 -27.39 -14.32 3.26
C PRO B 90 -28.68 -15.10 3.11
N LEU B 91 -29.31 -14.96 1.95
CA LEU B 91 -30.57 -15.67 1.72
C LEU B 91 -30.40 -17.18 1.89
N GLU B 92 -29.24 -17.72 1.48
CA GLU B 92 -29.00 -19.15 1.60
C GLU B 92 -28.98 -19.58 3.07
N GLU B 93 -28.42 -18.75 3.96
CA GLU B 93 -28.46 -19.07 5.39
C GLU B 93 -29.89 -19.02 5.92
N ALA B 94 -30.65 -18.01 5.54
CA ALA B 94 -32.05 -17.94 5.95
C ALA B 94 -32.84 -19.14 5.42
N ARG B 95 -32.55 -19.55 4.19
CA ARG B 95 -33.20 -20.73 3.62
C ARG B 95 -32.85 -21.98 4.43
N HIS B 96 -31.56 -22.19 4.69
CA HIS B 96 -31.14 -23.34 5.49
C HIS B 96 -31.84 -23.37 6.84
N ASP B 97 -32.01 -22.21 7.47
CA ASP B 97 -32.67 -22.17 8.77
C ASP B 97 -34.15 -22.54 8.68
N LEU B 98 -34.84 -22.10 7.62
CA LEU B 98 -36.22 -22.56 7.42
C LEU B 98 -36.26 -24.03 7.08
N GLY B 99 -35.22 -24.53 6.43
CA GLY B 99 -35.15 -25.92 6.01
C GLY B 99 -36.00 -26.26 4.79
N VAL B 100 -36.09 -25.35 3.83
CA VAL B 100 -36.90 -25.58 2.64
C VAL B 100 -35.97 -25.58 1.44
N ASP B 101 -36.45 -26.17 0.34
CA ASP B 101 -35.65 -26.24 -0.87
C ASP B 101 -35.62 -24.89 -1.58
N ARG B 102 -34.72 -24.80 -2.56
CA ARG B 102 -34.52 -23.55 -3.30
C ARG B 102 -35.82 -23.03 -3.88
N ASP B 103 -36.63 -23.92 -4.47
CA ASP B 103 -37.83 -23.46 -5.15
C ASP B 103 -38.92 -23.06 -4.16
N ALA B 104 -39.04 -23.77 -3.02
CA ALA B 104 -40.00 -23.31 -2.02
C ALA B 104 -39.56 -21.97 -1.42
N PHE B 105 -38.25 -21.76 -1.30
CA PHE B 105 -37.77 -20.47 -0.82
C PHE B 105 -38.16 -19.35 -1.78
N ARG B 106 -38.01 -19.59 -3.08
CA ARG B 106 -38.42 -18.60 -4.06
C ARG B 106 -39.91 -18.28 -3.92
N ARG B 107 -40.73 -19.29 -3.67
CA ARG B 107 -42.16 -19.03 -3.45
C ARG B 107 -42.38 -18.18 -2.20
N LEU B 108 -41.66 -18.48 -1.12
CA LEU B 108 -41.83 -17.71 0.11
C LEU B 108 -41.41 -16.26 -0.08
N LEU B 109 -40.35 -16.02 -0.86
CA LEU B 109 -39.92 -14.65 -1.10
C LEU B 109 -40.99 -13.86 -1.85
N ALA B 110 -41.55 -14.46 -2.91
CA ALA B 110 -42.63 -13.79 -3.64
C ALA B 110 -43.83 -13.53 -2.73
N LEU B 111 -44.18 -14.51 -1.89
CA LEU B 111 -45.31 -14.35 -0.98
C LEU B 111 -45.01 -13.31 0.10
N PHE B 112 -43.76 -13.24 0.57
CA PHE B 112 -43.38 -12.20 1.52
C PHE B 112 -43.67 -10.81 0.96
N GLY B 113 -43.36 -10.59 -0.32
CA GLY B 113 -43.64 -9.30 -0.94
C GLY B 113 -45.11 -8.95 -1.01
N GLN B 114 -46.00 -9.89 -0.69
CA GLN B 114 -47.43 -9.67 -0.77
C GLN B 114 -48.08 -9.54 0.61
N VAL B 115 -47.30 -9.53 1.67
CA VAL B 115 -47.83 -9.28 3.01
C VAL B 115 -47.16 -8.01 3.54
N PRO B 116 -47.76 -6.84 3.32
CA PRO B 116 -47.06 -5.59 3.66
C PRO B 116 -46.76 -5.43 5.13
N GLU B 117 -47.48 -6.12 6.02
CA GLU B 117 -47.18 -6.01 7.44
C GLU B 117 -45.84 -6.62 7.78
N LEU B 118 -45.44 -7.67 7.06
CA LEU B 118 -44.16 -8.31 7.35
C LEU B 118 -42.99 -7.41 6.94
N ARG B 119 -43.15 -6.68 5.83
CA ARG B 119 -42.15 -5.66 5.50
C ARG B 119 -42.04 -4.63 6.60
N THR B 120 -43.17 -4.19 7.15
CA THR B 120 -43.13 -3.24 8.26
C THR B 120 -42.44 -3.84 9.47
N ALA B 121 -42.68 -5.12 9.73
CA ALA B 121 -42.03 -5.78 10.87
C ALA B 121 -40.51 -5.79 10.72
N VAL B 122 -40.00 -5.93 9.50
CA VAL B 122 -38.56 -5.86 9.28
C VAL B 122 -38.08 -4.42 9.44
N GLU B 123 -38.78 -3.47 8.84
CA GLU B 123 -38.32 -2.09 8.84
C GLU B 123 -38.40 -1.46 10.23
N THR B 124 -39.29 -1.93 11.09
CA THR B 124 -39.46 -1.37 12.42
C THR B 124 -38.96 -2.30 13.53
N GLY B 125 -38.31 -3.42 13.17
CA GLY B 125 -37.81 -4.35 14.13
C GLY B 125 -36.57 -3.82 14.84
N PRO B 126 -35.99 -4.66 15.70
CA PRO B 126 -34.78 -4.25 16.44
C PRO B 126 -33.66 -3.75 15.55
N ALA B 127 -33.49 -4.30 14.36
CA ALA B 127 -32.53 -3.82 13.38
C ALA B 127 -33.13 -2.77 12.44
N GLY B 128 -34.24 -2.15 12.84
CA GLY B 128 -34.94 -1.24 11.95
C GLY B 128 -34.13 -0.03 11.53
N ALA B 129 -33.17 0.38 12.35
CA ALA B 129 -32.37 1.55 12.01
C ALA B 129 -31.52 1.29 10.77
N TYR B 130 -30.93 0.09 10.67
CA TYR B 130 -30.19 -0.27 9.46
C TYR B 130 -31.06 -0.08 8.22
N TRP B 131 -32.27 -0.62 8.25
CA TRP B 131 -33.16 -0.60 7.09
C TRP B 131 -33.63 0.82 6.78
N LYS B 132 -34.25 1.47 7.75
CA LYS B 132 -34.91 2.75 7.49
C LYS B 132 -33.92 3.86 7.21
N ASN B 133 -32.81 3.91 7.97
CA ASN B 133 -31.90 5.05 7.88
C ASN B 133 -30.83 4.90 6.80
N THR B 134 -30.42 3.67 6.49
CA THR B 134 -29.27 3.49 5.61
C THR B 134 -29.59 2.58 4.43
N LEU B 135 -30.04 1.35 4.70
CA LEU B 135 -30.13 0.35 3.65
C LEU B 135 -31.17 0.75 2.61
N LEU B 136 -32.40 0.95 3.03
CA LEU B 136 -33.47 1.17 2.05
C LEU B 136 -33.34 2.49 1.31
N PRO B 137 -33.03 3.62 1.99
CA PRO B 137 -32.81 4.86 1.22
C PRO B 137 -31.75 4.73 0.14
N LEU B 138 -30.61 4.13 0.47
CA LEU B 138 -29.53 4.00 -0.52
C LEU B 138 -29.94 3.06 -1.65
N GLU B 139 -30.66 1.98 -1.32
CA GLU B 139 -31.14 1.05 -2.34
C GLU B 139 -32.07 1.74 -3.32
N GLN B 140 -33.03 2.51 -2.81
CA GLN B 140 -34.02 3.14 -3.67
C GLN B 140 -33.42 4.23 -4.56
N ARG B 141 -32.29 4.82 -4.15
CA ARG B 141 -31.60 5.78 -4.99
C ARG B 141 -30.61 5.10 -5.93
N GLY B 142 -30.57 3.78 -5.95
CA GLY B 142 -29.68 3.07 -6.83
C GLY B 142 -28.23 3.05 -6.40
N VAL B 143 -27.93 3.49 -5.18
CA VAL B 143 -26.54 3.62 -4.75
C VAL B 143 -25.89 2.25 -4.60
N PHE B 144 -26.60 1.28 -4.00
CA PHE B 144 -26.04 -0.06 -3.88
C PHE B 144 -25.97 -0.75 -5.25
N ASP B 145 -26.95 -0.50 -6.12
CA ASP B 145 -26.87 -1.03 -7.47
C ASP B 145 -25.58 -0.58 -8.15
N ALA B 146 -25.26 0.72 -8.04
CA ALA B 146 -24.08 1.25 -8.71
C ALA B 146 -22.80 0.61 -8.18
N ALA B 147 -22.69 0.50 -6.84
CA ALA B 147 -21.51 -0.12 -6.26
C ALA B 147 -21.45 -1.60 -6.62
N LEU B 148 -22.59 -2.30 -6.58
CA LEU B 148 -22.62 -3.73 -6.88
C LEU B 148 -22.17 -4.00 -8.31
N ALA B 149 -22.62 -3.18 -9.26
CA ALA B 149 -22.21 -3.31 -10.65
C ALA B 149 -20.85 -2.69 -10.93
N ARG B 150 -20.17 -2.19 -9.89
CA ARG B 150 -18.84 -1.59 -10.01
C ARG B 150 -18.80 -0.60 -11.17
N LYS B 151 -19.82 0.25 -11.23
CA LYS B 151 -19.94 1.25 -12.28
C LYS B 151 -19.36 2.58 -11.83
N PRO B 152 -18.74 3.33 -12.76
CA PRO B 152 -18.25 4.67 -12.43
C PRO B 152 -19.40 5.65 -12.28
N VAL B 153 -19.58 6.16 -11.06
CA VAL B 153 -20.66 7.08 -10.74
C VAL B 153 -20.04 8.16 -9.85
N PHE B 154 -20.64 9.34 -9.85
CA PHE B 154 -20.21 10.32 -8.87
C PHE B 154 -20.63 9.86 -7.47
N PRO B 155 -19.78 10.02 -6.46
CA PRO B 155 -20.07 9.43 -5.15
C PRO B 155 -21.36 9.99 -4.54
N TYR B 156 -22.12 9.10 -3.92
CA TYR B 156 -23.40 9.50 -3.34
C TYR B 156 -23.21 10.48 -2.19
N SER B 157 -22.17 10.30 -1.36
CA SER B 157 -21.94 11.21 -0.24
C SER B 157 -20.46 11.60 -0.23
N VAL B 158 -20.19 12.90 -0.33
CA VAL B 158 -18.83 13.42 -0.41
C VAL B 158 -18.53 14.16 0.87
N GLY B 159 -17.51 13.70 1.60
CA GLY B 159 -17.05 14.38 2.79
C GLY B 159 -15.86 15.27 2.46
N LEU B 160 -15.97 16.54 2.84
CA LEU B 160 -14.86 17.47 2.67
C LEU B 160 -14.19 17.64 4.03
N TYR B 161 -12.89 17.35 4.08
CA TYR B 161 -12.09 17.48 5.30
C TYR B 161 -11.20 18.70 5.16
N PRO B 162 -11.65 19.90 5.54
CA PRO B 162 -10.90 21.12 5.22
C PRO B 162 -9.90 21.56 6.27
N GLY B 163 -9.85 20.93 7.44
CA GLY B 163 -9.05 21.39 8.55
C GLY B 163 -7.58 21.05 8.43
N PRO B 164 -6.70 22.06 8.57
CA PRO B 164 -5.25 21.80 8.55
C PRO B 164 -4.73 21.27 9.89
N THR B 165 -5.40 21.60 10.98
CA THR B 165 -4.91 21.28 12.32
C THR B 165 -6.08 21.03 13.25
N CYS B 166 -5.78 20.94 14.54
CA CYS B 166 -6.76 20.97 15.62
C CYS B 166 -6.04 21.33 16.90
N MET B 167 -6.76 22.00 17.79
CA MET B 167 -6.19 22.44 19.04
C MET B 167 -6.31 21.39 20.16
N PHE B 168 -7.08 20.33 19.95
CA PHE B 168 -7.16 19.26 20.92
C PHE B 168 -6.06 18.23 20.66
N ARG B 169 -5.91 17.28 21.59
CA ARG B 169 -4.95 16.19 21.47
C ARG B 169 -5.60 14.87 21.85
N CYS B 170 -6.82 14.63 21.35
CA CYS B 170 -7.57 13.43 21.70
C CYS B 170 -6.75 12.17 21.47
N HIS B 171 -6.72 11.31 22.49
CA HIS B 171 -5.83 10.14 22.46
C HIS B 171 -6.11 9.25 21.26
N PHE B 172 -7.34 9.24 20.75
CA PHE B 172 -7.74 8.37 19.65
C PHE B 172 -7.52 9.00 18.27
N CYS B 173 -6.57 9.94 18.16
CA CYS B 173 -6.36 10.69 16.93
C CYS B 173 -4.87 10.83 16.66
N VAL B 174 -4.53 11.03 15.39
CA VAL B 174 -3.12 11.27 15.02
C VAL B 174 -2.62 12.61 15.52
N ARG B 175 -3.53 13.43 16.07
CA ARG B 175 -3.15 14.74 16.60
C ARG B 175 -2.29 14.63 17.85
N VAL B 176 -2.42 13.54 18.62
CA VAL B 176 -1.59 13.34 19.81
C VAL B 176 -0.11 13.43 19.47
N THR B 177 0.26 13.09 18.24
CA THR B 177 1.64 13.04 17.82
C THR B 177 2.11 14.34 17.19
N GLY B 178 1.24 15.34 17.10
CA GLY B 178 1.58 16.61 16.48
C GLY B 178 1.40 16.66 14.98
N ALA B 179 0.87 15.60 14.36
CA ALA B 179 0.68 15.58 12.92
C ALA B 179 -0.35 16.61 12.51
N ARG B 180 -0.10 17.26 11.37
CA ARG B 180 -1.00 18.28 10.85
C ARG B 180 -0.61 18.54 9.41
N TYR B 181 -1.41 19.36 8.74
CA TYR B 181 -1.11 19.81 7.38
C TYR B 181 -0.34 21.13 7.44
N ASP B 182 0.51 21.33 6.45
CA ASP B 182 1.30 22.56 6.40
C ASP B 182 0.40 23.73 6.07
N PRO B 183 0.51 24.85 6.80
CA PRO B 183 -0.36 26.01 6.51
C PRO B 183 -0.32 26.49 5.06
N SER B 184 0.80 26.30 4.35
CA SER B 184 0.88 26.71 2.96
C SER B 184 -0.04 25.93 2.04
N ALA B 185 -0.64 24.83 2.53
CA ALA B 185 -1.60 24.10 1.71
C ALA B 185 -2.96 24.78 1.60
N LEU B 186 -3.22 25.80 2.44
CA LEU B 186 -4.59 26.31 2.63
C LEU B 186 -5.15 26.94 1.36
N ASP B 187 -4.41 27.89 0.77
CA ASP B 187 -4.93 28.61 -0.40
C ASP B 187 -5.31 27.66 -1.52
N ALA B 188 -4.36 26.80 -1.93
CA ALA B 188 -4.66 25.88 -3.02
C ALA B 188 -5.73 24.87 -2.60
N GLY B 189 -5.70 24.45 -1.34
CA GLY B 189 -6.68 23.49 -0.88
C GLY B 189 -8.09 24.03 -0.94
N ASN B 190 -8.28 25.32 -0.60
CA ASN B 190 -9.62 25.88 -0.61
C ASN B 190 -10.11 26.13 -2.03
N ALA B 191 -9.21 26.56 -2.92
CA ALA B 191 -9.59 26.65 -4.34
C ALA B 191 -9.97 25.27 -4.88
N MET B 192 -9.27 24.23 -4.43
CA MET B 192 -9.63 22.87 -4.83
C MET B 192 -11.00 22.50 -4.29
N PHE B 193 -11.24 22.74 -3.00
CA PHE B 193 -12.54 22.41 -2.42
C PHE B 193 -13.67 23.09 -3.16
N ARG B 194 -13.49 24.37 -3.51
CA ARG B 194 -14.51 25.07 -4.29
C ARG B 194 -14.76 24.37 -5.63
N SER B 195 -13.70 23.87 -6.28
CA SER B 195 -13.89 23.18 -7.55
C SER B 195 -14.61 21.87 -7.37
N VAL B 196 -14.36 21.17 -6.26
CA VAL B 196 -15.08 19.94 -5.97
C VAL B 196 -16.55 20.23 -5.74
N ILE B 197 -16.86 21.29 -4.97
CA ILE B 197 -18.25 21.66 -4.73
C ILE B 197 -18.97 21.89 -6.06
N ASP B 198 -18.31 22.58 -7.00
CA ASP B 198 -18.93 22.85 -8.29
C ASP B 198 -19.21 21.57 -9.08
N GLU B 199 -18.52 20.47 -8.77
CA GLU B 199 -18.73 19.21 -9.48
C GLU B 199 -20.01 18.50 -9.05
N ILE B 200 -20.45 18.71 -7.81
CA ILE B 200 -21.51 17.87 -7.24
C ILE B 200 -22.79 18.05 -8.03
N PRO B 201 -23.35 16.97 -8.58
CA PRO B 201 -24.56 17.11 -9.39
C PRO B 201 -25.72 17.63 -8.54
N ALA B 202 -26.66 18.28 -9.21
CA ALA B 202 -27.87 18.73 -8.53
C ALA B 202 -28.72 17.52 -8.12
N GLY B 203 -29.75 17.80 -7.32
CA GLY B 203 -30.75 16.81 -6.99
C GLY B 203 -30.69 16.29 -5.57
N ASN B 204 -29.59 16.48 -4.86
CA ASN B 204 -29.47 16.00 -3.48
C ASN B 204 -28.73 17.05 -2.67
N PRO B 205 -29.45 17.93 -1.96
CA PRO B 205 -28.76 18.98 -1.18
C PRO B 205 -27.91 18.43 -0.04
N SER B 206 -28.15 17.21 0.43
CA SER B 206 -27.31 16.57 1.44
C SER B 206 -26.14 15.79 0.83
N ALA B 207 -25.80 16.04 -0.43
CA ALA B 207 -24.76 15.26 -1.10
C ALA B 207 -23.41 15.41 -0.43
N MET B 208 -23.17 16.52 0.25
CA MET B 208 -21.85 16.84 0.76
C MET B 208 -21.95 17.26 2.23
N TYR B 209 -20.89 17.00 2.98
CA TYR B 209 -20.79 17.45 4.35
C TYR B 209 -19.36 17.89 4.63
N PHE B 210 -19.21 18.73 5.64
CA PHE B 210 -17.91 19.17 6.10
C PHE B 210 -17.60 18.44 7.40
N SER B 211 -16.46 17.77 7.43
CA SER B 211 -16.09 17.05 8.66
C SER B 211 -14.58 16.90 8.65
N GLY B 212 -14.09 15.87 9.32
CA GLY B 212 -12.66 15.79 9.36
C GLY B 212 -12.16 14.42 9.76
N GLY B 213 -10.93 14.16 9.33
CA GLY B 213 -9.92 13.76 10.26
C GLY B 213 -9.74 14.91 11.24
N LEU B 214 -9.09 15.99 10.81
CA LEU B 214 -8.76 17.10 11.70
C LEU B 214 -9.92 18.11 11.77
N GLU B 215 -9.73 19.19 12.55
CA GLU B 215 -10.84 20.05 12.93
C GLU B 215 -11.20 21.04 11.82
N PRO B 216 -12.41 20.97 11.26
CA PRO B 216 -12.76 21.88 10.14
C PRO B 216 -12.62 23.36 10.45
N LEU B 217 -12.90 23.78 11.69
CA LEU B 217 -12.89 25.21 12.00
C LEU B 217 -11.49 25.80 12.08
N THR B 218 -10.43 24.98 12.01
CA THR B 218 -9.10 25.59 11.92
C THR B 218 -8.80 26.10 10.52
N ASN B 219 -9.68 25.87 9.55
CA ASN B 219 -9.53 26.43 8.22
C ASN B 219 -10.19 27.80 8.19
N PRO B 220 -9.44 28.90 8.02
CA PRO B 220 -10.05 30.24 8.01
C PRO B 220 -10.99 30.48 6.83
N GLY B 221 -11.00 29.62 5.82
CA GLY B 221 -11.92 29.75 4.72
C GLY B 221 -13.14 28.85 4.79
N LEU B 222 -13.37 28.19 5.93
CA LEU B 222 -14.51 27.27 6.01
C LEU B 222 -15.82 28.00 5.71
N GLY B 223 -15.97 29.23 6.24
CA GLY B 223 -17.15 30.01 5.94
C GLY B 223 -17.35 30.23 4.45
N SER B 224 -16.28 30.59 3.73
CA SER B 224 -16.43 30.81 2.31
C SER B 224 -16.72 29.52 1.55
N LEU B 225 -16.16 28.40 1.99
CA LEU B 225 -16.57 27.12 1.41
C LEU B 225 -18.04 26.84 1.67
N ALA B 226 -18.50 27.14 2.89
CA ALA B 226 -19.91 26.93 3.21
C ALA B 226 -20.79 27.77 2.28
N ALA B 227 -20.46 29.06 2.12
CA ALA B 227 -21.25 29.94 1.25
C ALA B 227 -21.22 29.47 -0.20
N HIS B 228 -20.05 29.04 -0.70
CA HIS B 228 -19.98 28.50 -2.05
C HIS B 228 -20.93 27.31 -2.21
N ALA B 229 -20.92 26.39 -1.24
CA ALA B 229 -21.80 25.23 -1.31
C ALA B 229 -23.27 25.63 -1.32
N THR B 230 -23.67 26.54 -0.41
CA THR B 230 -25.08 26.93 -0.39
C THR B 230 -25.45 27.72 -1.65
N ASP B 231 -24.51 28.49 -2.19
CA ASP B 231 -24.76 29.14 -3.48
C ASP B 231 -25.02 28.11 -4.58
N HIS B 232 -24.30 26.98 -4.54
CA HIS B 232 -24.48 25.84 -5.41
C HIS B 232 -25.78 25.07 -5.13
N GLY B 233 -26.53 25.44 -4.09
CA GLY B 233 -27.77 24.78 -3.75
C GLY B 233 -27.66 23.68 -2.72
N LEU B 234 -26.46 23.43 -2.19
CA LEU B 234 -26.27 22.40 -1.19
C LEU B 234 -26.69 22.90 0.19
N ARG B 235 -27.08 21.96 1.05
CA ARG B 235 -27.49 22.27 2.42
C ARG B 235 -26.63 21.40 3.33
N PRO B 236 -25.37 21.78 3.54
CA PRO B 236 -24.44 20.89 4.21
C PRO B 236 -24.40 21.07 5.72
N THR B 237 -23.98 20.01 6.39
CA THR B 237 -23.74 20.01 7.82
C THR B 237 -22.22 20.02 8.06
N VAL B 238 -21.80 20.72 9.11
CA VAL B 238 -20.42 20.66 9.59
C VAL B 238 -20.38 19.83 10.87
N TYR B 239 -19.39 18.94 10.96
CA TYR B 239 -19.10 18.14 12.15
C TYR B 239 -17.80 18.66 12.75
N THR B 240 -17.88 19.19 13.98
CA THR B 240 -16.82 20.01 14.53
C THR B 240 -16.77 19.82 16.04
N ASN B 241 -15.58 20.07 16.62
CA ASN B 241 -15.50 20.12 18.07
C ASN B 241 -15.99 21.44 18.64
N SER B 242 -16.24 22.44 17.78
CA SER B 242 -16.78 23.74 18.16
C SER B 242 -15.91 24.48 19.18
N PHE B 243 -14.65 24.09 19.33
CA PHE B 243 -13.77 24.84 20.23
C PHE B 243 -13.55 26.26 19.72
N ALA B 244 -13.49 26.42 18.39
CA ALA B 244 -13.28 27.72 17.78
C ALA B 244 -14.57 28.36 17.29
N LEU B 245 -15.74 27.84 17.69
CA LEU B 245 -17.01 28.40 17.27
C LEU B 245 -17.37 29.62 18.13
N THR B 246 -16.50 30.62 18.08
CA THR B 246 -16.67 31.87 18.81
C THR B 246 -17.40 32.90 17.96
N GLU B 247 -17.90 33.95 18.64
CA GLU B 247 -18.51 35.06 17.94
C GLU B 247 -17.54 35.71 16.96
N ARG B 248 -16.25 35.79 17.33
CA ARG B 248 -15.23 36.29 16.42
C ARG B 248 -15.11 35.43 15.17
N THR B 249 -15.03 34.12 15.34
CA THR B 249 -14.97 33.23 14.17
C THR B 249 -16.18 33.44 13.27
N LEU B 250 -17.38 33.55 13.86
CA LEU B 250 -18.59 33.74 13.08
C LEU B 250 -18.58 35.08 12.37
N GLU B 251 -17.98 36.09 12.99
CA GLU B 251 -17.86 37.40 12.36
C GLU B 251 -16.93 37.34 11.16
N ARG B 252 -15.84 36.59 11.26
CA ARG B 252 -14.90 36.48 10.16
C ARG B 252 -15.32 35.44 9.13
N GLN B 253 -16.23 34.52 9.48
CA GLN B 253 -16.72 33.50 8.56
C GLN B 253 -18.24 33.49 8.55
N PRO B 254 -18.88 34.56 8.09
CA PRO B 254 -20.35 34.64 8.15
C PRO B 254 -21.04 33.56 7.33
N GLY B 255 -20.34 32.98 6.36
CA GLY B 255 -20.89 31.89 5.57
C GLY B 255 -21.31 30.69 6.38
N LEU B 256 -20.73 30.52 7.57
CA LEU B 256 -21.12 29.40 8.43
C LEU B 256 -22.60 29.45 8.79
N TRP B 257 -23.19 30.67 8.86
CA TRP B 257 -24.60 30.78 9.22
C TRP B 257 -25.51 30.16 8.17
N GLY B 258 -25.02 29.99 6.94
CA GLY B 258 -25.85 29.41 5.91
C GLY B 258 -25.92 27.90 5.93
N LEU B 259 -25.12 27.26 6.79
CA LEU B 259 -25.10 25.81 6.84
C LEU B 259 -26.47 25.27 7.25
N HIS B 260 -26.73 24.03 6.84
CA HIS B 260 -27.94 23.35 7.28
C HIS B 260 -27.89 23.07 8.78
N ALA B 261 -26.72 22.69 9.30
CA ALA B 261 -26.60 22.30 10.69
C ALA B 261 -25.13 22.27 11.10
N ILE B 262 -24.91 22.43 12.39
CA ILE B 262 -23.63 22.17 13.03
C ILE B 262 -23.87 21.11 14.09
N ARG B 263 -23.17 19.99 13.98
CA ARG B 263 -23.19 19.00 15.05
C ARG B 263 -21.87 19.08 15.81
N THR B 264 -21.95 19.40 17.10
CA THR B 264 -20.77 19.51 17.92
C THR B 264 -20.41 18.15 18.50
N SER B 265 -19.15 17.75 18.34
CA SER B 265 -18.63 16.53 18.96
C SER B 265 -18.31 16.84 20.42
N LEU B 266 -19.06 16.23 21.33
CA LEU B 266 -18.97 16.51 22.75
C LEU B 266 -18.07 15.46 23.39
N TYR B 267 -16.97 15.90 24.02
CA TYR B 267 -15.95 15.00 24.55
C TYR B 267 -15.95 14.95 26.07
N GLY B 268 -17.04 15.33 26.71
CA GLY B 268 -17.13 15.39 28.14
C GLY B 268 -18.20 16.38 28.55
N LEU B 269 -18.56 16.34 29.83
CA LEU B 269 -19.61 17.19 30.38
C LEU B 269 -19.10 18.08 31.49
N ASN B 270 -17.79 18.16 31.67
CA ASN B 270 -17.15 19.15 32.53
C ASN B 270 -15.70 19.23 32.09
N ASP B 271 -14.97 20.18 32.66
CA ASP B 271 -13.59 20.39 32.25
C ASP B 271 -12.75 19.14 32.47
N GLU B 272 -12.98 18.45 33.59
CA GLU B 272 -12.22 17.25 33.91
C GLU B 272 -12.40 16.19 32.83
N GLU B 273 -13.64 15.94 32.41
CA GLU B 273 -13.86 14.92 31.39
C GLU B 273 -13.32 15.34 30.03
N TYR B 274 -13.39 16.64 29.72
CA TYR B 274 -12.80 17.09 28.46
C TYR B 274 -11.29 16.91 28.47
N GLU B 275 -10.64 17.03 29.63
CA GLU B 275 -9.18 16.86 29.65
C GLU B 275 -8.78 15.39 29.59
N GLN B 276 -9.52 14.50 30.25
CA GLN B 276 -9.17 13.09 30.14
C GLN B 276 -9.32 12.59 28.71
N THR B 277 -10.19 13.21 27.92
CA THR B 277 -10.41 12.78 26.55
C THR B 277 -9.56 13.55 25.54
N THR B 278 -9.59 14.88 25.60
CA THR B 278 -8.93 15.71 24.59
C THR B 278 -7.55 16.19 25.03
N GLY B 279 -7.20 16.04 26.30
CA GLY B 279 -5.94 16.55 26.80
C GLY B 279 -5.89 18.04 27.00
N LYS B 280 -6.91 18.78 26.57
CA LYS B 280 -6.93 20.23 26.70
C LYS B 280 -7.60 20.64 28.00
N LYS B 281 -7.08 21.69 28.63
CA LYS B 281 -7.57 22.14 29.92
C LYS B 281 -8.60 23.25 29.76
N ALA B 282 -9.62 23.23 30.62
CA ALA B 282 -10.70 24.23 30.60
C ALA B 282 -11.38 24.28 29.23
N ALA B 283 -11.49 23.12 28.59
CA ALA B 283 -12.03 23.08 27.24
C ALA B 283 -13.55 22.98 27.24
N PHE B 284 -14.12 22.28 28.22
CA PHE B 284 -15.58 22.18 28.28
C PHE B 284 -16.23 23.54 28.47
N ARG B 285 -15.65 24.37 29.34
CA ARG B 285 -16.23 25.68 29.59
C ARG B 285 -16.19 26.56 28.35
N ARG B 286 -15.15 26.42 27.51
CA ARG B 286 -15.10 27.17 26.26
C ARG B 286 -16.16 26.68 25.28
N VAL B 287 -16.30 25.37 25.14
CA VAL B 287 -17.29 24.82 24.21
C VAL B 287 -18.70 25.24 24.61
N ARG B 288 -19.01 25.18 25.90
CA ARG B 288 -20.34 25.60 26.36
C ARG B 288 -20.52 27.11 26.25
N GLU B 289 -19.50 27.89 26.64
CA GLU B 289 -19.49 29.32 26.40
C GLU B 289 -19.81 29.65 24.95
N ASN B 290 -19.19 28.92 24.02
CA ASN B 290 -19.44 29.12 22.60
C ASN B 290 -20.89 28.83 22.24
N LEU B 291 -21.42 27.69 22.70
CA LEU B 291 -22.75 27.26 22.25
C LEU B 291 -23.86 28.07 22.92
N ARG B 292 -23.65 28.49 24.17
CA ARG B 292 -24.57 29.42 24.82
C ARG B 292 -24.74 30.69 23.99
N ARG B 293 -23.61 31.32 23.62
CA ARG B 293 -23.66 32.53 22.81
C ARG B 293 -24.25 32.26 21.43
N PHE B 294 -23.86 31.13 20.81
CA PHE B 294 -24.42 30.77 19.51
C PHE B 294 -25.94 30.63 19.59
N GLN B 295 -26.44 30.07 20.70
CA GLN B 295 -27.89 29.94 20.86
C GLN B 295 -28.58 31.31 20.84
N GLN B 296 -27.97 32.30 21.52
CA GLN B 296 -28.55 33.64 21.52
C GLN B 296 -28.52 34.25 20.13
N LEU B 297 -27.39 34.10 19.43
CA LEU B 297 -27.26 34.65 18.09
C LEU B 297 -28.24 34.00 17.12
N ARG B 298 -28.34 32.67 17.17
CA ARG B 298 -29.31 31.96 16.33
C ARG B 298 -30.71 32.50 16.54
N ALA B 299 -31.09 32.68 17.81
CA ALA B 299 -32.41 33.23 18.12
C ALA B 299 -32.54 34.67 17.63
N GLU B 300 -31.50 35.49 17.83
CA GLU B 300 -31.57 36.89 17.44
C GLU B 300 -31.65 37.06 15.92
N ARG B 301 -30.95 36.20 15.17
CA ARG B 301 -31.02 36.21 13.71
C ARG B 301 -32.21 35.44 13.16
N GLU B 302 -32.87 34.61 13.97
CA GLU B 302 -33.86 33.66 13.49
C GLU B 302 -33.27 32.78 12.38
N SER B 303 -32.02 32.38 12.56
CA SER B 303 -31.37 31.51 11.60
C SER B 303 -32.06 30.14 11.57
N PRO B 304 -32.34 29.59 10.38
CA PRO B 304 -32.85 28.21 10.31
C PRO B 304 -31.81 27.14 10.62
N ILE B 305 -30.57 27.51 10.96
CA ILE B 305 -29.54 26.49 11.18
C ILE B 305 -29.95 25.57 12.32
N ASN B 306 -29.64 24.27 12.18
CA ASN B 306 -29.92 23.29 13.23
C ASN B 306 -28.68 23.07 14.08
N LEU B 307 -28.89 22.78 15.37
CA LEU B 307 -27.82 22.42 16.28
C LEU B 307 -28.02 21.00 16.79
N GLY B 308 -26.94 20.21 16.76
CA GLY B 308 -26.98 18.87 17.32
C GLY B 308 -25.69 18.59 18.07
N PHE B 309 -25.69 17.47 18.79
CA PHE B 309 -24.50 17.04 19.52
C PHE B 309 -24.31 15.55 19.33
N ALA B 310 -23.04 15.14 19.29
CA ALA B 310 -22.65 13.74 19.33
C ALA B 310 -21.97 13.48 20.66
N TYR B 311 -22.40 12.42 21.35
CA TYR B 311 -21.84 12.03 22.63
C TYR B 311 -21.49 10.54 22.61
N ILE B 312 -20.34 10.20 23.19
CA ILE B 312 -19.86 8.82 23.26
C ILE B 312 -20.04 8.34 24.69
N VAL B 313 -20.90 7.34 24.88
CA VAL B 313 -21.20 6.80 26.21
C VAL B 313 -20.12 5.77 26.56
N LEU B 314 -19.32 6.08 27.58
CA LEU B 314 -18.22 5.23 28.00
C LEU B 314 -18.71 4.07 28.86
N PRO B 315 -17.93 2.98 28.93
CA PRO B 315 -18.34 1.82 29.74
C PRO B 315 -18.49 2.18 31.21
N GLY B 316 -19.62 1.76 31.78
CA GLY B 316 -19.89 1.97 33.19
C GLY B 316 -20.33 3.37 33.57
N ARG B 317 -20.21 4.34 32.67
CA ARG B 317 -20.58 5.72 32.96
C ARG B 317 -21.76 6.17 32.11
N ALA B 318 -22.66 5.25 31.78
CA ALA B 318 -23.82 5.60 30.95
C ALA B 318 -24.79 6.53 31.67
N SER B 319 -24.79 6.52 33.00
CA SER B 319 -25.65 7.43 33.75
C SER B 319 -25.35 8.90 33.48
N ARG B 320 -24.21 9.20 32.86
CA ARG B 320 -23.89 10.58 32.51
C ARG B 320 -24.79 11.12 31.41
N LEU B 321 -25.57 10.24 30.75
CA LEU B 321 -26.58 10.70 29.82
C LEU B 321 -27.57 11.66 30.48
N LEU B 322 -27.85 11.46 31.77
CA LEU B 322 -28.72 12.39 32.47
C LEU B 322 -28.05 13.76 32.62
N ASP B 323 -26.72 13.78 32.76
CA ASP B 323 -26.00 15.06 32.76
C ASP B 323 -25.98 15.67 31.38
N LEU B 324 -26.05 14.85 30.33
CA LEU B 324 -26.15 15.39 28.98
C LEU B 324 -27.46 16.16 28.79
N VAL B 325 -28.56 15.66 29.36
CA VAL B 325 -29.82 16.38 29.26
C VAL B 325 -29.71 17.74 29.93
N ASP B 326 -29.12 17.78 31.12
CA ASP B 326 -28.96 19.05 31.82
C ASP B 326 -28.12 20.03 31.00
N PHE B 327 -27.07 19.53 30.35
CA PHE B 327 -26.27 20.36 29.47
C PHE B 327 -27.12 20.94 28.34
N ILE B 328 -27.92 20.09 27.69
CA ILE B 328 -28.78 20.57 26.61
C ILE B 328 -29.86 21.50 27.15
N ALA B 329 -30.40 21.20 28.33
CA ALA B 329 -31.42 22.09 28.90
C ALA B 329 -30.84 23.47 29.21
N ASP B 330 -29.59 23.51 29.68
CA ASP B 330 -28.93 24.81 29.91
C ASP B 330 -28.80 25.59 28.60
N LEU B 331 -28.40 24.92 27.52
CA LEU B 331 -28.27 25.63 26.25
C LEU B 331 -29.62 26.14 25.76
N ASN B 332 -30.68 25.35 25.98
CA ASN B 332 -32.02 25.79 25.61
C ASN B 332 -32.40 27.06 26.35
N ASP B 333 -31.98 27.20 27.61
CA ASP B 333 -32.27 28.42 28.35
C ASP B 333 -31.61 29.62 27.70
N ALA B 334 -30.49 29.41 27.00
CA ALA B 334 -29.81 30.49 26.32
C ALA B 334 -30.45 30.86 24.99
N GLY B 335 -31.26 29.98 24.40
CA GLY B 335 -31.83 30.22 23.09
C GLY B 335 -33.14 30.97 23.04
N GLN B 336 -33.65 31.41 24.20
CA GLN B 336 -34.90 32.15 24.34
C GLN B 336 -36.01 31.54 23.46
N GLY B 337 -36.32 30.28 23.76
CA GLY B 337 -37.35 29.55 23.04
C GLY B 337 -36.85 28.66 21.93
N ARG B 338 -35.67 28.94 21.38
CA ARG B 338 -35.10 28.16 20.29
C ARG B 338 -34.27 27.02 20.87
N THR B 339 -34.62 25.77 20.53
CA THR B 339 -34.10 24.60 21.22
C THR B 339 -33.09 23.83 20.39
N ILE B 340 -32.20 23.12 21.09
CA ILE B 340 -31.27 22.20 20.44
C ILE B 340 -32.08 21.13 19.71
N ASP B 341 -31.67 20.82 18.48
CA ASP B 341 -32.52 20.05 17.59
C ASP B 341 -32.35 18.55 17.75
N PHE B 342 -31.12 18.05 17.87
CA PHE B 342 -30.95 16.61 17.93
C PHE B 342 -29.70 16.25 18.73
N VAL B 343 -29.62 14.97 19.09
CA VAL B 343 -28.45 14.42 19.74
C VAL B 343 -28.20 13.03 19.17
N ASN B 344 -26.93 12.73 18.88
CA ASN B 344 -26.49 11.45 18.37
C ASN B 344 -25.68 10.78 19.48
N ILE B 345 -26.11 9.61 19.92
CA ILE B 345 -25.43 8.90 20.99
C ILE B 345 -24.87 7.59 20.42
N ARG B 346 -23.58 7.35 20.64
CA ARG B 346 -22.89 6.18 20.12
C ARG B 346 -22.17 5.47 21.26
N GLU B 347 -21.89 4.19 21.04
CA GLU B 347 -21.13 3.41 22.00
C GLU B 347 -19.68 3.28 21.56
N ARG B 362 -24.47 -6.46 32.87
CA ARG B 362 -24.06 -5.24 32.20
C ARG B 362 -25.18 -4.86 31.20
N ALA B 363 -26.38 -5.42 31.42
CA ALA B 363 -27.62 -4.93 30.80
C ALA B 363 -28.07 -3.66 31.50
N GLU B 364 -27.11 -2.94 32.09
CA GLU B 364 -27.39 -1.64 32.69
C GLU B 364 -27.49 -0.55 31.64
N LEU B 365 -26.80 -0.72 30.51
CA LEU B 365 -26.88 0.29 29.45
C LEU B 365 -28.32 0.52 29.01
N GLN B 366 -29.11 -0.56 28.88
CA GLN B 366 -30.49 -0.41 28.43
C GLN B 366 -31.33 0.42 29.39
N GLU B 367 -31.13 0.25 30.70
CA GLU B 367 -31.90 1.04 31.66
C GLU B 367 -31.38 2.46 31.74
N ALA B 368 -30.09 2.66 31.47
CA ALA B 368 -29.56 4.01 31.35
C ALA B 368 -30.12 4.71 30.12
N LEU B 369 -30.30 3.96 29.02
CA LEU B 369 -30.93 4.54 27.83
C LEU B 369 -32.40 4.85 28.07
N ASN B 370 -33.09 4.00 28.83
CA ASN B 370 -34.50 4.23 29.10
C ASN B 370 -34.68 5.39 30.08
N ALA B 371 -33.76 5.55 31.03
CA ALA B 371 -33.80 6.71 31.91
C ALA B 371 -33.49 7.99 31.14
N PHE B 372 -32.47 7.93 30.29
CA PHE B 372 -32.10 9.08 29.47
C PHE B 372 -33.28 9.56 28.63
N GLU B 373 -33.96 8.62 27.96
CA GLU B 373 -35.11 8.99 27.13
C GLU B 373 -36.24 9.57 27.96
N GLU B 374 -36.47 9.01 29.15
CA GLU B 374 -37.47 9.61 30.03
C GLU B 374 -37.06 11.01 30.46
N ARG B 375 -35.77 11.19 30.78
CA ARG B 375 -35.28 12.51 31.14
C ARG B 375 -35.37 13.49 29.97
N VAL B 376 -35.13 13.00 28.74
CA VAL B 376 -35.27 13.86 27.57
C VAL B 376 -36.73 14.31 27.40
N ARG B 377 -37.67 13.38 27.56
CA ARG B 377 -39.09 13.76 27.46
C ARG B 377 -39.47 14.75 28.55
N GLU B 378 -38.84 14.64 29.73
CA GLU B 378 -39.13 15.56 30.82
C GLU B 378 -38.67 16.98 30.50
N ARG B 379 -37.39 17.13 30.15
CA ARG B 379 -36.72 18.42 30.17
C ARG B 379 -36.52 19.04 28.79
N THR B 380 -36.23 18.23 27.78
CA THR B 380 -35.98 18.72 26.43
C THR B 380 -36.86 17.94 25.45
N PRO B 381 -38.18 18.09 25.56
CA PRO B 381 -39.11 17.23 24.80
C PRO B 381 -39.05 17.42 23.30
N GLY B 382 -38.53 18.55 22.83
CA GLY B 382 -38.35 18.70 21.40
C GLY B 382 -37.09 18.06 20.86
N LEU B 383 -36.27 17.45 21.71
CA LEU B 383 -34.96 16.97 21.29
C LEU B 383 -35.09 15.63 20.58
N HIS B 384 -34.54 15.54 19.37
CA HIS B 384 -34.57 14.31 18.60
C HIS B 384 -33.36 13.45 18.94
N ILE B 385 -33.61 12.17 19.22
CA ILE B 385 -32.56 11.23 19.64
C ILE B 385 -32.28 10.29 18.47
N ASP B 386 -31.01 10.22 18.07
CA ASP B 386 -30.58 9.23 17.09
C ASP B 386 -29.48 8.38 17.71
N TYR B 387 -29.74 7.09 17.85
CA TYR B 387 -28.72 6.15 18.28
C TYR B 387 -27.94 5.66 17.07
N GLY B 388 -26.64 5.44 17.27
CA GLY B 388 -25.85 4.78 16.24
C GLY B 388 -26.21 3.31 16.14
N TYR B 389 -25.81 2.70 15.01
CA TYR B 389 -26.18 1.31 14.75
C TYR B 389 -25.88 0.41 15.94
N ALA B 390 -24.61 0.40 16.37
CA ALA B 390 -24.19 -0.45 17.49
C ALA B 390 -25.06 -0.22 18.72
N LEU B 391 -25.19 1.04 19.16
CA LEU B 391 -25.98 1.33 20.35
C LEU B 391 -27.46 1.05 20.13
N ASN B 392 -27.98 1.32 18.93
CA ASN B 392 -29.42 1.18 18.70
C ASN B 392 -29.84 -0.29 18.73
N SER B 393 -28.97 -1.18 18.23
CA SER B 393 -29.29 -2.60 18.24
C SER B 393 -29.31 -3.16 19.67
N LEU B 394 -28.59 -2.52 20.60
CA LEU B 394 -28.62 -2.97 21.97
C LEU B 394 -29.79 -2.36 22.74
N ARG B 395 -30.11 -1.09 22.47
CA ARG B 395 -31.29 -0.48 23.07
C ARG B 395 -32.54 -1.31 22.80
N THR B 396 -32.72 -1.72 21.55
CA THR B 396 -33.80 -2.62 21.15
C THR B 396 -33.18 -3.74 20.35
N GLY B 397 -33.39 -4.98 20.81
CA GLY B 397 -32.78 -6.14 20.20
C GLY B 397 -32.05 -6.97 21.23
N ALA B 398 -30.71 -7.00 21.14
CA ALA B 398 -29.75 -7.64 22.06
C ALA B 398 -28.45 -7.95 21.31
N LEU B 403 -20.24 -4.27 13.93
CA LEU B 403 -20.32 -5.23 12.84
C LEU B 403 -19.09 -6.13 12.77
N ARG B 404 -17.97 -5.63 13.27
CA ARG B 404 -16.70 -6.36 13.30
C ARG B 404 -16.23 -6.75 11.90
N ILE B 405 -16.13 -5.77 11.01
CA ILE B 405 -15.44 -6.00 9.75
C ILE B 405 -13.96 -6.24 10.04
N LYS B 406 -13.38 -7.23 9.35
CA LYS B 406 -12.00 -7.65 9.50
C LYS B 406 -11.35 -7.50 8.13
N PRO B 407 -10.02 -7.56 8.01
CA PRO B 407 -9.40 -7.59 6.68
C PRO B 407 -10.00 -8.60 5.71
N ALA B 408 -10.33 -9.80 6.20
CA ALA B 408 -10.83 -10.84 5.32
C ALA B 408 -12.18 -10.48 4.70
N THR B 409 -12.96 -9.62 5.36
CA THR B 409 -14.29 -9.26 4.88
C THR B 409 -14.36 -7.81 4.38
N MET B 410 -13.23 -7.10 4.31
CA MET B 410 -13.20 -5.84 3.58
C MET B 410 -13.27 -6.11 2.09
N ARG B 411 -13.97 -5.23 1.37
CA ARG B 411 -14.04 -5.33 -0.08
C ARG B 411 -12.90 -4.53 -0.69
N PRO B 412 -12.02 -5.15 -1.51
CA PRO B 412 -10.83 -4.43 -1.98
C PRO B 412 -11.13 -3.26 -2.90
N THR B 413 -12.27 -3.25 -3.58
CA THR B 413 -12.67 -2.09 -4.36
C THR B 413 -13.17 -0.92 -3.51
N ALA B 414 -13.36 -1.12 -2.21
CA ALA B 414 -14.08 -0.18 -1.35
C ALA B 414 -15.42 0.17 -2.03
N HIS B 415 -15.95 1.37 -1.78
CA HIS B 415 -17.26 1.75 -2.30
C HIS B 415 -17.32 3.23 -2.63
N PRO B 416 -16.49 3.69 -3.58
CA PRO B 416 -16.51 5.12 -3.93
C PRO B 416 -17.82 5.55 -4.58
N GLN B 417 -18.64 4.63 -5.10
CA GLN B 417 -19.98 4.99 -5.55
C GLN B 417 -20.85 5.44 -4.40
N VAL B 418 -20.57 4.94 -3.18
CA VAL B 418 -21.32 5.33 -2.01
C VAL B 418 -20.70 6.56 -1.33
N ALA B 419 -19.39 6.55 -1.11
CA ALA B 419 -18.79 7.59 -0.28
C ALA B 419 -17.29 7.69 -0.56
N VAL B 420 -16.78 8.93 -0.56
CA VAL B 420 -15.36 9.26 -0.50
C VAL B 420 -15.23 10.51 0.34
N GLN B 421 -13.99 10.82 0.73
CA GLN B 421 -13.66 12.00 1.53
C GLN B 421 -12.43 12.65 0.93
N VAL B 422 -12.42 13.99 0.87
CA VAL B 422 -11.33 14.76 0.26
C VAL B 422 -10.70 15.67 1.31
N ASP B 423 -9.38 15.57 1.47
CA ASP B 423 -8.72 16.38 2.49
C ASP B 423 -8.08 17.62 1.85
N LEU B 424 -7.30 18.36 2.66
CA LEU B 424 -6.81 19.66 2.23
C LEU B 424 -5.89 19.56 1.03
N LEU B 425 -5.17 18.45 0.90
CA LEU B 425 -4.26 18.20 -0.22
C LEU B 425 -4.98 17.70 -1.46
N GLY B 426 -6.29 17.57 -1.42
CA GLY B 426 -7.03 17.01 -2.54
C GLY B 426 -7.01 15.49 -2.62
N ASP B 427 -6.48 14.81 -1.61
CA ASP B 427 -6.45 13.36 -1.63
C ASP B 427 -7.84 12.78 -1.36
N VAL B 428 -8.26 11.84 -2.18
CA VAL B 428 -9.58 11.26 -2.11
C VAL B 428 -9.45 9.93 -1.36
N TYR B 429 -9.97 9.88 -0.14
CA TYR B 429 -9.85 8.70 0.71
C TYR B 429 -11.09 7.83 0.58
N LEU B 430 -10.89 6.51 0.60
CA LEU B 430 -11.96 5.56 0.37
C LEU B 430 -12.77 5.24 1.62
N TYR B 431 -12.21 5.47 2.80
CA TYR B 431 -12.87 5.19 4.06
C TYR B 431 -12.76 6.41 4.95
N ARG B 432 -13.73 6.59 5.85
CA ARG B 432 -13.85 7.88 6.56
C ARG B 432 -12.71 8.11 7.55
N GLU B 433 -12.24 7.08 8.23
CA GLU B 433 -11.20 7.28 9.24
C GLU B 433 -9.79 7.12 8.66
N ALA B 434 -9.65 7.16 7.34
CA ALA B 434 -8.34 7.12 6.73
C ALA B 434 -7.76 8.51 6.50
N GLY B 435 -8.62 9.52 6.33
CA GLY B 435 -8.19 10.84 5.91
C GLY B 435 -7.55 11.70 6.99
N PHE B 436 -6.52 11.16 7.64
CA PHE B 436 -5.71 11.89 8.61
C PHE B 436 -4.29 11.99 8.08
N PRO B 437 -3.58 13.09 8.36
CA PRO B 437 -2.18 13.17 7.95
C PRO B 437 -1.31 12.26 8.80
N ASP B 438 -0.34 11.61 8.14
CA ASP B 438 0.68 10.78 8.78
C ASP B 438 0.13 9.55 9.48
N LEU B 439 -1.08 9.12 9.13
CA LEU B 439 -1.65 7.92 9.71
C LEU B 439 -1.10 6.70 8.97
N ASP B 440 -0.53 5.76 9.72
CA ASP B 440 0.22 4.66 9.10
C ASP B 440 -0.70 3.75 8.31
N GLY B 441 -0.30 3.45 7.08
CA GLY B 441 -1.08 2.60 6.18
C GLY B 441 -2.24 3.29 5.50
N ALA B 442 -2.52 4.55 5.83
CA ALA B 442 -3.73 5.20 5.35
C ALA B 442 -3.61 5.66 3.91
N THR B 443 -2.39 5.93 3.42
CA THR B 443 -2.23 6.44 2.06
C THR B 443 -2.52 5.37 1.01
N ARG B 444 -2.55 4.10 1.41
CA ARG B 444 -2.92 3.06 0.46
C ARG B 444 -4.39 3.14 0.06
N TYR B 445 -5.22 3.85 0.84
CA TYR B 445 -6.62 4.01 0.52
C TYR B 445 -6.93 5.36 -0.12
N ILE B 446 -5.93 5.99 -0.72
CA ILE B 446 -6.16 7.16 -1.56
C ILE B 446 -6.48 6.67 -2.98
N ALA B 447 -7.68 7.01 -3.46
CA ALA B 447 -8.07 6.65 -4.82
C ALA B 447 -7.41 7.51 -5.87
N GLY B 448 -6.97 8.70 -5.49
CA GLY B 448 -6.42 9.68 -6.40
C GLY B 448 -6.41 11.03 -5.71
N ARG B 449 -5.86 12.03 -6.40
CA ARG B 449 -5.75 13.37 -5.85
C ARG B 449 -6.41 14.36 -6.79
N VAL B 450 -7.28 15.21 -6.24
CA VAL B 450 -7.92 16.27 -7.01
C VAL B 450 -6.91 17.40 -7.20
N THR B 451 -6.64 17.75 -8.45
CA THR B 451 -5.69 18.78 -8.83
C THR B 451 -6.38 19.68 -9.85
N PRO B 452 -5.75 20.78 -10.31
CA PRO B 452 -6.38 21.56 -11.39
C PRO B 452 -6.50 20.80 -12.71
N ASP B 453 -5.80 19.68 -12.89
CA ASP B 453 -5.93 18.86 -14.09
C ASP B 453 -6.82 17.64 -13.90
N THR B 454 -7.19 17.30 -12.66
CA THR B 454 -7.94 16.09 -12.38
C THR B 454 -9.01 16.40 -11.34
N SER B 455 -10.27 16.21 -11.72
CA SER B 455 -11.40 16.50 -10.87
C SER B 455 -11.70 15.33 -9.93
N LEU B 456 -12.60 15.55 -8.96
CA LEU B 456 -13.09 14.45 -8.16
C LEU B 456 -13.79 13.42 -9.04
N THR B 457 -14.60 13.90 -9.99
CA THR B 457 -15.30 12.99 -10.88
C THR B 457 -14.34 12.04 -11.58
N GLU B 458 -13.22 12.57 -12.10
CA GLU B 458 -12.26 11.74 -12.82
C GLU B 458 -11.52 10.79 -11.90
N VAL B 459 -11.08 11.28 -10.73
CA VAL B 459 -10.43 10.42 -9.75
C VAL B 459 -11.27 9.18 -9.47
N VAL B 460 -12.57 9.39 -9.24
CA VAL B 460 -13.45 8.27 -8.93
C VAL B 460 -13.66 7.40 -10.17
N ARG B 461 -13.86 8.04 -11.33
CA ARG B 461 -14.16 7.28 -12.54
C ARG B 461 -12.96 6.45 -12.98
N ASP B 462 -11.75 7.02 -12.89
CA ASP B 462 -10.56 6.29 -13.30
C ASP B 462 -10.26 5.14 -12.34
N PHE B 463 -10.53 5.33 -11.05
CA PHE B 463 -10.30 4.26 -10.09
C PHE B 463 -11.25 3.09 -10.33
N VAL B 464 -12.54 3.39 -10.56
CA VAL B 464 -13.51 2.33 -10.76
C VAL B 464 -13.28 1.62 -12.09
N GLU B 465 -13.07 2.40 -13.15
CA GLU B 465 -12.96 1.82 -14.48
C GLU B 465 -11.71 0.95 -14.63
N ARG B 466 -10.63 1.26 -13.93
CA ARG B 466 -9.46 0.40 -13.98
C ARG B 466 -9.55 -0.78 -13.00
N GLY B 467 -10.69 -0.95 -12.34
CA GLY B 467 -10.81 -2.04 -11.38
C GLY B 467 -9.88 -1.90 -10.20
N GLY B 468 -9.62 -0.67 -9.75
CA GLY B 468 -8.79 -0.41 -8.59
C GLY B 468 -9.17 -1.24 -7.39
N GLU B 469 -8.17 -1.78 -6.71
CA GLU B 469 -8.39 -2.74 -5.64
C GLU B 469 -7.26 -2.58 -4.63
N VAL B 470 -7.59 -2.52 -3.34
CA VAL B 470 -6.59 -2.38 -2.30
C VAL B 470 -6.66 -3.61 -1.43
N ALA B 471 -5.56 -4.36 -1.38
CA ALA B 471 -5.46 -5.55 -0.54
C ALA B 471 -5.52 -5.13 0.92
N ALA B 472 -6.38 -5.79 1.68
CA ALA B 472 -6.50 -5.49 3.10
C ALA B 472 -5.31 -6.10 3.85
N VAL B 473 -4.62 -5.26 4.62
CA VAL B 473 -3.62 -5.75 5.56
C VAL B 473 -4.16 -5.50 6.96
N ASP B 474 -3.55 -6.19 7.93
CA ASP B 474 -3.99 -6.11 9.31
C ASP B 474 -3.99 -4.66 9.80
N GLY B 475 -5.09 -4.27 10.43
CA GLY B 475 -5.28 -2.93 10.92
C GLY B 475 -6.06 -2.02 9.99
N ASP B 476 -6.14 -2.36 8.69
CA ASP B 476 -6.85 -1.51 7.75
C ASP B 476 -8.32 -1.34 8.10
N GLU B 477 -8.92 -2.30 8.80
CA GLU B 477 -10.33 -2.22 9.12
C GLU B 477 -10.65 -1.04 10.02
N TYR B 478 -9.64 -0.48 10.71
CA TYR B 478 -9.81 0.68 11.55
C TYR B 478 -9.85 1.98 10.77
N PHE B 479 -9.62 1.95 9.46
CA PHE B 479 -9.87 3.12 8.62
C PHE B 479 -11.36 3.34 8.35
N MET B 480 -12.22 2.39 8.73
CA MET B 480 -13.64 2.44 8.45
C MET B 480 -14.41 3.04 9.62
N ASP B 481 -15.38 3.90 9.31
CA ASP B 481 -16.30 4.34 10.34
C ASP B 481 -17.50 3.41 10.34
N GLY B 482 -18.50 3.71 11.18
CA GLY B 482 -19.66 2.84 11.28
C GLY B 482 -20.40 2.72 9.96
N PHE B 483 -20.54 3.84 9.24
CA PHE B 483 -21.21 3.82 7.94
C PHE B 483 -20.46 2.94 6.94
N ASP B 484 -19.12 3.04 6.90
CA ASP B 484 -18.35 2.18 6.00
C ASP B 484 -18.57 0.70 6.32
N GLN B 485 -18.66 0.35 7.60
CA GLN B 485 -18.91 -1.03 7.99
C GLN B 485 -20.27 -1.51 7.50
N VAL B 486 -21.32 -0.68 7.67
CA VAL B 486 -22.65 -1.04 7.20
C VAL B 486 -22.66 -1.19 5.68
N VAL B 487 -22.00 -0.26 4.97
CA VAL B 487 -21.98 -0.35 3.51
C VAL B 487 -21.20 -1.59 3.08
N THR B 488 -20.08 -1.86 3.75
CA THR B 488 -19.30 -3.07 3.45
C THR B 488 -20.13 -4.32 3.72
N ALA B 489 -20.81 -4.38 4.86
CA ALA B 489 -21.60 -5.56 5.19
C ALA B 489 -22.77 -5.73 4.23
N ARG B 490 -23.40 -4.63 3.83
CA ARG B 490 -24.49 -4.70 2.86
C ARG B 490 -23.98 -5.24 1.52
N LEU B 491 -22.84 -4.73 1.05
CA LEU B 491 -22.35 -5.17 -0.26
C LEU B 491 -21.85 -6.60 -0.23
N ASN B 492 -21.27 -7.04 0.91
CA ASN B 492 -20.89 -8.44 1.04
C ASN B 492 -22.12 -9.33 0.93
N GLN B 493 -23.22 -8.90 1.56
CA GLN B 493 -24.49 -9.63 1.50
C GLN B 493 -25.00 -9.73 0.08
N LEU B 494 -25.04 -8.60 -0.63
CA LEU B 494 -25.57 -8.60 -2.00
C LEU B 494 -24.72 -9.44 -2.93
N GLU B 495 -23.39 -9.35 -2.81
CA GLU B 495 -22.51 -10.17 -3.64
C GLU B 495 -22.67 -11.66 -3.33
N ARG B 496 -22.75 -12.02 -2.05
CA ARG B 496 -23.00 -13.41 -1.69
C ARG B 496 -24.34 -13.89 -2.25
N ASP B 497 -25.40 -13.10 -2.06
CA ASP B 497 -26.71 -13.48 -2.58
C ASP B 497 -26.68 -13.67 -4.09
N ALA B 498 -26.07 -12.74 -4.82
CA ALA B 498 -25.92 -12.91 -6.26
C ALA B 498 -25.08 -14.13 -6.58
N ALA B 499 -23.99 -14.36 -5.84
CA ALA B 499 -23.17 -15.54 -6.08
C ALA B 499 -23.94 -16.82 -5.86
N ASP B 500 -24.99 -16.78 -5.04
CA ASP B 500 -25.83 -17.94 -4.75
C ASP B 500 -26.98 -18.08 -5.72
N GLY B 501 -27.04 -17.25 -6.76
CA GLY B 501 -28.14 -17.32 -7.70
C GLY B 501 -29.41 -16.63 -7.24
N TRP B 502 -29.31 -15.69 -6.31
CA TRP B 502 -30.46 -14.91 -5.87
C TRP B 502 -30.29 -13.46 -6.29
N GLU B 503 -30.08 -13.21 -7.58
CA GLU B 503 -29.64 -11.87 -7.98
C GLU B 503 -30.77 -10.85 -7.86
N GLU B 504 -31.98 -11.20 -8.33
CA GLU B 504 -33.07 -10.23 -8.25
C GLU B 504 -33.51 -9.98 -6.81
N ALA B 505 -33.53 -11.04 -5.98
CA ALA B 505 -33.93 -10.90 -4.58
C ALA B 505 -32.79 -10.51 -3.66
N ARG B 506 -31.65 -10.08 -4.20
CA ARG B 506 -30.46 -9.78 -3.41
C ARG B 506 -30.77 -8.86 -2.23
N GLY B 507 -30.25 -9.23 -1.05
CA GLY B 507 -30.44 -8.42 0.13
C GLY B 507 -31.80 -8.55 0.80
N PHE B 508 -32.65 -9.48 0.37
CA PHE B 508 -33.97 -9.75 0.94
C PHE B 508 -34.98 -8.61 0.72
N LEU B 509 -34.73 -7.44 1.32
CA LEU B 509 -35.56 -6.27 1.10
C LEU B 509 -34.78 -5.20 0.37
N ARG B 510 -35.43 -4.55 -0.60
CA ARG B 510 -34.86 -3.36 -1.21
C ARG B 510 -35.93 -2.28 -1.37
#